data_2UXR
#
_entry.id   2UXR
#
_cell.length_a   58.560
_cell.length_b   121.740
_cell.length_c   273.770
_cell.angle_alpha   90.00
_cell.angle_beta   90.00
_cell.angle_gamma   90.00
#
_symmetry.space_group_name_H-M   'C 2 2 21'
#
loop_
_entity.id
_entity.type
_entity.pdbx_description
1 polymer 'ISOCITRATE DEHYDROGENASE'
2 non-polymer 'ISOCITRIC ACID'
3 non-polymer 'MAGNESIUM ION'
4 non-polymer GLYCEROL
5 water water
#
_entity_poly.entity_id   1
_entity_poly.type   'polypeptide(L)'
_entity_poly.pdbx_seq_one_letter_code
;MKIQMKTPLVELDGDEMTRVLWPLIKDKLLLPFIDLQTEYYDLGIEERDRTNDQITIDAAEAIKKYGVGVKNATITPNQD
RVEEYGLKEQWKSPNATVRAMLDGTVFRKPIMVKNIKPSVRSWQKPIVVGRHAYGDFYKNAEIFAEAGGKLEIVVTDKNG
KETRQTIMEVDEPAIVQGIHNTVASIGHFARACFEYSLDQKIDCWFATKDTISKQYDQRFKIIFEEIFAQEYKEKFAAAG
IEYFYTLIDDVVARMMKTEGGMLWACKNYDGDVMSDMVASAFGSLAMMSSVLVSPYGYFEYEAAHGTVQRHYYQHLKGER
TSTNPVALIYAWTGALRKRGELDGTPDLCAFCDSLEAITIECIESGYMTGDLARICEPAAIKVLDSIEFIDELGKRLQQL
NK
;
_entity_poly.pdbx_strand_id   A,B
#
loop_
_chem_comp.id
_chem_comp.type
_chem_comp.name
_chem_comp.formula
GOL non-polymer GLYCEROL 'C3 H8 O3'
ICT non-polymer 'ISOCITRIC ACID' 'C6 H8 O7'
MG non-polymer 'MAGNESIUM ION' 'Mg 2'
#
# COMPACT_ATOMS: atom_id res chain seq x y z
N MET A 1 3.73 -42.32 16.64
CA MET A 1 3.25 -43.26 17.73
C MET A 1 1.96 -44.11 17.48
N LYS A 2 0.88 -43.54 16.90
CA LYS A 2 0.76 -42.15 16.43
C LYS A 2 0.64 -41.14 17.58
N ILE A 3 1.05 -39.91 17.28
CA ILE A 3 0.90 -38.78 18.20
C ILE A 3 -0.57 -38.52 18.50
N GLN A 4 -0.85 -38.35 19.79
CA GLN A 4 -2.18 -38.09 20.31
C GLN A 4 -2.42 -36.60 20.55
N MET A 5 -3.67 -36.19 20.30
CA MET A 5 -4.19 -34.85 20.60
C MET A 5 -5.21 -34.90 21.72
N LYS A 6 -5.14 -33.92 22.60
CA LYS A 6 -6.15 -33.73 23.63
C LYS A 6 -7.37 -32.92 23.12
N THR A 7 -7.13 -31.78 22.46
CA THR A 7 -8.23 -30.94 22.01
C THR A 7 -8.29 -30.94 20.44
N PRO A 8 -9.51 -30.92 19.85
CA PRO A 8 -9.55 -30.70 18.39
C PRO A 8 -9.08 -29.30 17.92
N LEU A 9 -8.39 -29.35 16.78
CA LEU A 9 -8.18 -28.18 15.98
C LEU A 9 -9.46 -27.84 15.21
N VAL A 10 -9.81 -26.56 15.18
CA VAL A 10 -10.88 -26.14 14.30
C VAL A 10 -10.34 -25.97 12.85
N GLU A 11 -10.91 -26.68 11.90
CA GLU A 11 -10.40 -26.70 10.52
C GLU A 11 -11.41 -26.07 9.58
N LEU A 12 -10.98 -25.01 8.88
CA LEU A 12 -11.79 -24.25 7.95
C LEU A 12 -11.25 -24.54 6.57
N ASP A 13 -12.02 -25.26 5.77
CA ASP A 13 -11.61 -25.56 4.41
C ASP A 13 -11.89 -24.37 3.48
N GLY A 14 -11.39 -24.43 2.24
CA GLY A 14 -11.43 -23.31 1.29
C GLY A 14 -11.71 -23.74 -0.15
N ASP A 15 -11.09 -23.04 -1.08
CA ASP A 15 -11.49 -23.05 -2.49
C ASP A 15 -10.36 -23.38 -3.45
N GLU A 16 -10.76 -23.81 -4.64
CA GLU A 16 -9.85 -23.96 -5.79
C GLU A 16 -8.62 -24.86 -5.52
N MET A 17 -7.42 -24.36 -5.80
CA MET A 17 -6.24 -25.22 -5.80
C MET A 17 -5.84 -25.51 -4.38
N THR A 18 -6.00 -24.54 -3.50
CA THR A 18 -5.61 -24.75 -2.13
C THR A 18 -6.58 -25.75 -1.48
N ARG A 19 -7.80 -25.85 -1.98
CA ARG A 19 -8.74 -26.86 -1.47
C ARG A 19 -8.34 -28.25 -1.94
N VAL A 20 -7.84 -28.34 -3.18
CA VAL A 20 -7.26 -29.57 -3.72
C VAL A 20 -6.07 -30.05 -2.92
N LEU A 21 -5.17 -29.12 -2.59
CA LEU A 21 -3.93 -29.46 -1.89
C LEU A 21 -4.11 -29.86 -0.43
N TRP A 22 -5.07 -29.22 0.24
CA TRP A 22 -5.37 -29.47 1.66
C TRP A 22 -5.45 -30.95 2.08
N PRO A 23 -6.31 -31.79 1.40
CA PRO A 23 -6.29 -33.25 1.70
C PRO A 23 -4.98 -33.97 1.45
N LEU A 24 -4.14 -33.48 0.52
CA LEU A 24 -2.84 -34.14 0.28
C LEU A 24 -1.91 -33.95 1.43
N ILE A 25 -1.92 -32.72 1.94
CA ILE A 25 -1.12 -32.40 3.12
C ILE A 25 -1.55 -33.29 4.30
N LYS A 26 -2.85 -33.36 4.59
CA LYS A 26 -3.36 -34.21 5.69
C LYS A 26 -3.02 -35.68 5.45
N ASP A 27 -3.35 -36.18 4.27
CA ASP A 27 -3.11 -37.59 3.97
C ASP A 27 -1.63 -38.03 3.98
N LYS A 28 -0.75 -37.23 3.36
CA LYS A 28 0.68 -37.56 3.27
C LYS A 28 1.55 -37.06 4.44
N LEU A 29 1.16 -36.02 5.16
CA LEU A 29 2.13 -35.42 6.06
C LEU A 29 1.78 -35.49 7.52
N LEU A 30 0.49 -35.57 7.80
CA LEU A 30 -0.04 -35.42 9.17
C LEU A 30 -0.63 -36.74 9.64
N LEU A 31 -1.59 -37.28 8.90
CA LEU A 31 -2.31 -38.55 9.27
C LEU A 31 -1.45 -39.83 9.45
N PRO A 32 -0.35 -40.04 8.64
CA PRO A 32 0.58 -41.14 8.98
C PRO A 32 1.26 -41.06 10.36
N PHE A 33 1.30 -39.86 10.95
CA PHE A 33 2.10 -39.58 12.13
C PHE A 33 1.33 -39.13 13.38
N ILE A 34 0.14 -38.53 13.20
CA ILE A 34 -0.63 -37.92 14.28
C ILE A 34 -2.01 -38.49 14.17
N ASP A 35 -2.61 -38.85 15.31
CA ASP A 35 -4.03 -39.20 15.27
C ASP A 35 -4.84 -37.91 15.33
N LEU A 36 -5.07 -37.29 14.18
CA LEU A 36 -5.44 -35.89 14.05
C LEU A 36 -6.91 -35.66 14.44
N GLN A 37 -7.14 -34.83 15.46
CA GLN A 37 -8.49 -34.47 15.87
C GLN A 37 -8.80 -33.08 15.32
N THR A 38 -9.80 -32.99 14.44
CA THR A 38 -10.33 -31.68 14.05
C THR A 38 -11.88 -31.60 14.05
N GLU A 39 -12.39 -30.37 14.16
CA GLU A 39 -13.79 -30.02 13.93
C GLU A 39 -13.84 -29.31 12.61
N TYR A 40 -14.43 -29.95 11.64
CA TYR A 40 -14.29 -29.53 10.29
C TYR A 40 -15.42 -28.60 9.91
N TYR A 41 -15.06 -27.48 9.29
CA TYR A 41 -16.00 -26.52 8.73
C TYR A 41 -15.65 -26.28 7.30
N ASP A 42 -16.61 -26.53 6.41
CA ASP A 42 -16.31 -26.34 4.99
C ASP A 42 -16.67 -24.86 4.58
N LEU A 43 -15.62 -24.03 4.37
CA LEU A 43 -15.84 -22.63 3.99
C LEU A 43 -15.57 -22.44 2.51
N GLY A 44 -15.78 -23.50 1.75
CA GLY A 44 -15.81 -23.51 0.33
C GLY A 44 -17.01 -22.67 -0.07
N ILE A 45 -16.86 -21.98 -1.18
CA ILE A 45 -17.80 -20.96 -1.66
C ILE A 45 -19.23 -21.54 -1.83
N GLU A 46 -19.33 -22.82 -2.24
CA GLU A 46 -20.62 -23.48 -2.39
C GLU A 46 -21.24 -23.83 -1.03
N GLU A 47 -20.43 -24.20 -0.05
CA GLU A 47 -21.04 -24.43 1.24
C GLU A 47 -21.45 -23.10 1.89
N ARG A 48 -20.77 -22.02 1.55
CA ARG A 48 -21.13 -20.75 2.14
C ARG A 48 -22.40 -20.22 1.50
N ASP A 49 -22.50 -20.41 0.19
CA ASP A 49 -23.71 -20.11 -0.55
C ASP A 49 -24.90 -20.97 -0.10
N ARG A 50 -24.68 -22.29 0.11
CA ARG A 50 -25.77 -23.19 0.51
C ARG A 50 -26.36 -22.84 1.90
N THR A 51 -25.53 -22.35 2.80
CA THR A 51 -25.94 -22.01 4.15
C THR A 51 -26.08 -20.47 4.32
N ASN A 52 -26.12 -19.70 3.24
CA ASN A 52 -26.27 -18.27 3.35
C ASN A 52 -25.20 -17.66 4.23
N ASP A 53 -23.95 -18.16 4.10
CA ASP A 53 -22.78 -17.71 4.88
C ASP A 53 -22.80 -18.09 6.36
N GLN A 54 -23.77 -18.89 6.81
CA GLN A 54 -23.90 -19.15 8.25
C GLN A 54 -22.70 -20.02 8.70
N ILE A 55 -22.27 -20.94 7.85
CA ILE A 55 -21.16 -21.83 8.15
C ILE A 55 -19.90 -21.03 8.58
N THR A 56 -19.70 -19.84 8.02
CA THR A 56 -18.57 -18.98 8.44
C THR A 56 -18.73 -18.58 9.91
N ILE A 57 -19.95 -18.29 10.32
CA ILE A 57 -20.17 -17.87 11.68
C ILE A 57 -19.95 -19.04 12.62
N ASP A 58 -20.55 -20.18 12.30
CA ASP A 58 -20.25 -21.43 13.00
C ASP A 58 -18.74 -21.68 13.21
N ALA A 59 -17.92 -21.63 12.15
CA ALA A 59 -16.45 -21.85 12.28
C ALA A 59 -15.77 -20.93 13.26
N ALA A 60 -16.05 -19.63 13.16
CA ALA A 60 -15.54 -18.60 14.07
C ALA A 60 -15.96 -18.89 15.55
N GLU A 61 -17.24 -19.25 15.75
CA GLU A 61 -17.70 -19.65 17.10
C GLU A 61 -16.97 -20.89 17.60
N ALA A 62 -16.64 -21.82 16.70
CA ALA A 62 -15.86 -23.02 17.09
C ALA A 62 -14.40 -22.65 17.45
N ILE A 63 -13.79 -21.67 16.77
CA ILE A 63 -12.45 -21.23 17.16
C ILE A 63 -12.50 -20.66 18.58
N LYS A 64 -13.49 -19.82 18.89
CA LYS A 64 -13.66 -19.23 20.23
C LYS A 64 -13.87 -20.27 21.27
N LYS A 65 -14.57 -21.37 20.93
CA LYS A 65 -14.82 -22.43 21.89
C LYS A 65 -13.58 -23.32 22.18
N TYR A 66 -12.90 -23.80 21.13
CA TYR A 66 -11.75 -24.68 21.31
C TYR A 66 -10.49 -23.91 21.42
N GLY A 67 -10.35 -22.80 20.70
CA GLY A 67 -9.20 -21.89 20.94
C GLY A 67 -8.27 -21.63 19.76
N VAL A 68 -8.12 -22.61 18.88
CA VAL A 68 -7.17 -22.56 17.73
C VAL A 68 -7.84 -23.04 16.47
N GLY A 69 -7.72 -22.26 15.39
CA GLY A 69 -8.25 -22.69 14.13
C GLY A 69 -7.14 -22.74 13.11
N VAL A 70 -7.35 -23.55 12.06
CA VAL A 70 -6.52 -23.51 10.87
C VAL A 70 -7.44 -23.26 9.67
N LYS A 71 -7.04 -22.35 8.79
CA LYS A 71 -7.89 -21.89 7.71
C LYS A 71 -7.22 -21.97 6.36
N ASN A 72 -7.95 -22.52 5.40
CA ASN A 72 -7.50 -22.66 4.03
C ASN A 72 -7.97 -21.38 3.29
N ALA A 73 -7.38 -21.14 2.11
CA ALA A 73 -7.65 -19.97 1.33
C ALA A 73 -9.06 -20.09 0.71
N THR A 74 -9.78 -18.97 0.78
CA THR A 74 -11.18 -18.87 0.33
C THR A 74 -11.33 -17.87 -0.76
N ILE A 75 -12.35 -18.01 -1.60
CA ILE A 75 -12.78 -16.99 -2.52
C ILE A 75 -13.67 -15.98 -1.78
N THR A 76 -13.38 -14.69 -1.95
CA THR A 76 -14.36 -13.65 -1.66
C THR A 76 -15.03 -13.26 -2.99
N PRO A 77 -16.33 -13.54 -3.12
CA PRO A 77 -16.96 -13.35 -4.40
C PRO A 77 -17.24 -11.89 -4.69
N ASN A 78 -16.81 -11.49 -5.86
CA ASN A 78 -17.26 -10.27 -6.49
C ASN A 78 -18.26 -10.64 -7.59
N GLN A 79 -18.63 -9.66 -8.44
CA GLN A 79 -19.59 -9.92 -9.52
C GLN A 79 -19.18 -11.00 -10.48
N ASP A 80 -17.90 -11.10 -10.80
CA ASP A 80 -17.38 -12.22 -11.62
C ASP A 80 -17.56 -13.61 -10.94
N ARG A 81 -17.28 -13.70 -9.65
CA ARG A 81 -17.42 -14.97 -8.95
C ARG A 81 -18.88 -15.41 -8.81
N VAL A 82 -19.80 -14.47 -8.53
CA VAL A 82 -21.25 -14.75 -8.52
C VAL A 82 -21.70 -15.33 -9.83
N GLU A 83 -21.21 -14.77 -10.93
CA GLU A 83 -21.52 -15.32 -12.23
C GLU A 83 -20.88 -16.71 -12.40
N GLU A 84 -19.57 -16.82 -12.14
CA GLU A 84 -18.89 -18.13 -12.30
C GLU A 84 -19.59 -19.26 -11.53
N TYR A 85 -20.04 -19.01 -10.32
CA TYR A 85 -20.55 -20.08 -9.43
C TYR A 85 -22.07 -20.21 -9.28
N GLY A 86 -22.83 -19.25 -9.77
CA GLY A 86 -24.28 -19.29 -9.63
C GLY A 86 -24.67 -18.80 -8.25
N LEU A 87 -23.95 -17.80 -7.71
CA LEU A 87 -24.16 -17.43 -6.32
C LEU A 87 -25.45 -16.66 -6.05
N LYS A 88 -25.93 -16.68 -4.81
CA LYS A 88 -27.11 -15.92 -4.44
C LYS A 88 -26.72 -14.46 -4.36
N GLU A 89 -25.47 -14.20 -4.02
CA GLU A 89 -25.04 -12.83 -3.84
C GLU A 89 -23.55 -12.80 -3.66
N GLN A 90 -23.02 -11.57 -3.55
CA GLN A 90 -21.59 -11.35 -3.34
C GLN A 90 -21.36 -11.35 -1.87
N TRP A 91 -21.12 -12.54 -1.38
CA TRP A 91 -20.92 -12.82 0.04
C TRP A 91 -19.75 -12.01 0.59
N LYS A 92 -19.82 -11.71 1.87
CA LYS A 92 -18.73 -10.98 2.48
C LYS A 92 -17.57 -11.96 2.66
N SER A 93 -16.38 -11.38 2.63
CA SER A 93 -15.12 -12.08 2.97
C SER A 93 -15.17 -12.94 4.25
N PRO A 94 -14.97 -14.26 4.11
CA PRO A 94 -14.97 -15.07 5.34
C PRO A 94 -13.85 -14.72 6.30
N ASN A 95 -12.75 -14.21 5.77
CA ASN A 95 -11.63 -13.72 6.57
C ASN A 95 -12.07 -12.50 7.38
N ALA A 96 -12.68 -11.52 6.73
CA ALA A 96 -13.22 -10.35 7.38
C ALA A 96 -14.19 -10.74 8.51
N THR A 97 -15.08 -11.69 8.23
CA THR A 97 -16.01 -12.25 9.23
C THR A 97 -15.33 -12.95 10.38
N VAL A 98 -14.43 -13.92 10.12
CA VAL A 98 -13.68 -14.53 11.21
C VAL A 98 -12.86 -13.50 12.02
N ARG A 99 -12.16 -12.57 11.39
CA ARG A 99 -11.27 -11.64 12.12
C ARG A 99 -12.06 -10.65 12.96
N ALA A 100 -13.25 -10.29 12.49
CA ALA A 100 -14.12 -9.40 13.24
C ALA A 100 -14.60 -10.08 14.53
N MET A 101 -14.84 -11.40 14.45
CA MET A 101 -15.37 -12.14 15.54
C MET A 101 -14.30 -12.42 16.54
N LEU A 102 -13.03 -12.41 16.11
CA LEU A 102 -11.92 -12.71 17.06
C LEU A 102 -11.24 -11.45 17.58
N ASP A 103 -11.11 -10.44 16.72
CA ASP A 103 -10.17 -9.32 16.92
C ASP A 103 -8.70 -9.81 16.93
N GLY A 104 -7.75 -8.89 16.83
CA GLY A 104 -6.35 -9.21 17.05
C GLY A 104 -5.47 -8.61 15.99
N THR A 105 -4.27 -9.20 15.85
CA THR A 105 -3.26 -8.74 14.90
C THR A 105 -2.75 -9.99 14.19
N VAL A 106 -2.63 -9.91 12.86
CA VAL A 106 -2.08 -10.96 12.00
C VAL A 106 -0.57 -10.75 11.81
N PHE A 107 0.23 -11.66 12.35
CA PHE A 107 1.67 -11.63 12.13
C PHE A 107 2.08 -12.44 10.92
N ARG A 108 2.67 -11.73 9.95
CA ARG A 108 3.05 -12.26 8.64
C ARG A 108 4.54 -12.11 8.45
N LYS A 109 5.19 -13.27 8.27
CA LYS A 109 6.63 -13.42 8.19
C LYS A 109 7.05 -14.33 7.02
N PRO A 110 8.06 -13.88 6.23
CA PRO A 110 8.51 -14.72 5.15
C PRO A 110 9.11 -16.03 5.64
N ILE A 111 8.91 -17.10 4.85
CA ILE A 111 9.53 -18.37 5.16
C ILE A 111 10.81 -18.41 4.35
N MET A 112 11.94 -18.23 5.03
CA MET A 112 13.24 -18.11 4.36
C MET A 112 14.07 -19.40 4.13
N VAL A 113 14.63 -19.47 2.93
CA VAL A 113 15.53 -20.56 2.56
C VAL A 113 16.87 -19.94 2.11
N LYS A 114 17.96 -20.67 2.27
CA LYS A 114 19.33 -20.13 1.99
C LYS A 114 19.65 -19.97 0.53
N ASN A 115 18.87 -20.59 -0.36
CA ASN A 115 19.15 -20.59 -1.79
C ASN A 115 18.27 -19.67 -2.63
N ILE A 116 17.59 -18.74 -1.97
CA ILE A 116 16.80 -17.71 -2.60
C ILE A 116 17.13 -16.42 -1.91
N LYS A 117 17.60 -15.46 -2.69
CA LYS A 117 17.95 -14.11 -2.22
C LYS A 117 16.76 -13.18 -2.49
N PRO A 118 16.59 -12.15 -1.64
CA PRO A 118 15.46 -11.26 -1.75
C PRO A 118 15.49 -10.47 -3.04
N SER A 119 14.32 -10.19 -3.63
CA SER A 119 14.17 -9.19 -4.73
C SER A 119 14.70 -7.79 -4.36
N VAL A 120 14.66 -7.45 -3.09
CA VAL A 120 15.16 -6.15 -2.67
C VAL A 120 16.58 -6.27 -2.11
N ARG A 121 17.52 -5.60 -2.80
CA ARG A 121 18.98 -5.71 -2.60
C ARG A 121 19.47 -5.67 -1.17
N SER A 122 19.00 -4.67 -0.41
CA SER A 122 19.48 -4.42 0.95
C SER A 122 18.98 -5.40 1.98
N TRP A 123 17.94 -6.16 1.65
CA TRP A 123 17.23 -6.95 2.65
C TRP A 123 18.05 -8.16 3.05
N GLN A 124 18.48 -8.20 4.28
CA GLN A 124 19.25 -9.33 4.77
C GLN A 124 18.41 -10.07 5.80
N LYS A 125 17.67 -9.30 6.58
CA LYS A 125 16.99 -9.83 7.73
C LYS A 125 15.50 -9.91 7.44
N PRO A 126 14.79 -10.87 8.08
CA PRO A 126 13.34 -10.95 7.88
C PRO A 126 12.61 -9.68 8.30
N ILE A 127 11.57 -9.34 7.54
CA ILE A 127 10.66 -8.29 7.88
C ILE A 127 9.31 -8.93 8.22
N VAL A 128 8.81 -8.62 9.43
CA VAL A 128 7.51 -9.13 9.94
C VAL A 128 6.52 -8.02 9.81
N VAL A 129 5.37 -8.32 9.18
CA VAL A 129 4.27 -7.35 9.05
C VAL A 129 3.27 -7.69 10.21
N GLY A 130 2.93 -6.69 11.02
CA GLY A 130 1.95 -6.90 12.10
C GLY A 130 0.69 -6.17 11.66
N ARG A 131 -0.23 -6.92 11.09
CA ARG A 131 -1.44 -6.34 10.50
C ARG A 131 -2.65 -6.34 11.44
N HIS A 132 -3.16 -5.13 11.70
CA HIS A 132 -4.38 -4.99 12.51
C HIS A 132 -5.48 -5.74 11.79
N ALA A 133 -6.10 -6.71 12.45
CA ALA A 133 -7.06 -7.64 11.78
C ALA A 133 -8.51 -7.14 11.83
N TYR A 134 -8.68 -6.02 12.52
CA TYR A 134 -10.00 -5.53 12.86
C TYR A 134 -10.35 -4.19 12.19
N GLY A 135 -11.52 -4.13 11.60
CA GLY A 135 -12.12 -2.88 11.18
C GLY A 135 -11.63 -2.27 9.89
N ASP A 136 -11.69 -0.94 9.85
CA ASP A 136 -11.49 -0.13 8.66
C ASP A 136 -12.39 -0.68 7.52
N PHE A 137 -11.90 -0.72 6.30
CA PHE A 137 -12.75 -1.04 5.16
C PHE A 137 -13.16 -2.52 5.00
N TYR A 138 -12.63 -3.39 5.86
CA TYR A 138 -13.19 -4.73 6.04
C TYR A 138 -14.52 -4.85 6.88
N LYS A 139 -15.10 -3.72 7.32
CA LYS A 139 -16.52 -3.63 7.68
C LYS A 139 -17.01 -2.31 7.14
N ASN A 140 -17.08 -2.19 5.84
CA ASN A 140 -17.48 -0.94 5.21
C ASN A 140 -19.01 -0.88 5.01
N ALA A 141 -19.51 0.33 4.91
CA ALA A 141 -20.87 0.64 4.39
C ALA A 141 -20.62 1.47 3.13
N GLU A 142 -21.32 1.18 2.05
CA GLU A 142 -21.04 1.86 0.79
C GLU A 142 -22.36 2.15 0.10
N ILE A 143 -22.38 3.23 -0.69
CA ILE A 143 -23.56 3.66 -1.47
C ILE A 143 -23.14 4.08 -2.86
N PHE A 144 -23.78 3.54 -3.89
CA PHE A 144 -23.68 4.14 -5.22
C PHE A 144 -24.77 5.21 -5.30
N ALA A 145 -24.36 6.47 -5.15
CA ALA A 145 -25.26 7.60 -5.09
C ALA A 145 -25.49 8.02 -6.55
N GLU A 146 -26.44 7.36 -7.20
CA GLU A 146 -26.68 7.58 -8.62
C GLU A 146 -27.23 8.96 -9.02
N ALA A 147 -27.54 9.83 -8.05
CA ALA A 147 -28.08 11.17 -8.35
C ALA A 147 -27.32 12.18 -7.51
N GLY A 148 -26.17 11.75 -7.01
CA GLY A 148 -25.35 12.58 -6.16
C GLY A 148 -26.11 12.87 -4.90
N GLY A 149 -25.73 13.98 -4.28
CA GLY A 149 -26.36 14.42 -3.09
C GLY A 149 -25.36 15.02 -2.14
N LYS A 150 -25.89 15.29 -0.95
CA LYS A 150 -25.11 15.68 0.22
C LYS A 150 -24.73 14.36 0.90
N LEU A 151 -23.41 14.18 1.05
CA LEU A 151 -22.79 12.92 1.44
C LEU A 151 -22.23 13.07 2.83
N GLU A 152 -22.75 12.26 3.74
CA GLU A 152 -22.35 12.44 5.14
C GLU A 152 -22.12 11.17 5.94
N ILE A 153 -21.43 11.36 7.06
CA ILE A 153 -21.35 10.36 8.11
C ILE A 153 -22.17 10.89 9.29
N VAL A 154 -22.92 9.99 9.91
CA VAL A 154 -23.81 10.32 11.00
C VAL A 154 -23.56 9.34 12.15
N VAL A 155 -23.31 9.85 13.35
CA VAL A 155 -23.24 8.99 14.52
C VAL A 155 -24.44 9.30 15.37
N THR A 156 -25.19 8.27 15.73
CA THR A 156 -26.21 8.51 16.73
C THR A 156 -26.01 7.62 17.93
N ASP A 157 -25.68 8.24 19.06
CA ASP A 157 -25.40 7.48 20.26
C ASP A 157 -26.65 6.83 20.88
N LYS A 158 -26.45 6.17 22.02
CA LYS A 158 -27.48 5.35 22.64
C LYS A 158 -28.58 6.17 23.31
N ASN A 159 -28.29 7.46 23.60
CA ASN A 159 -29.36 8.41 24.00
C ASN A 159 -30.07 9.11 22.85
N GLY A 160 -29.57 8.90 21.62
CA GLY A 160 -30.21 9.47 20.44
C GLY A 160 -29.59 10.78 19.97
N LYS A 161 -28.57 11.25 20.68
CA LYS A 161 -27.74 12.38 20.22
C LYS A 161 -26.95 12.11 18.91
N GLU A 162 -27.28 12.88 17.86
CA GLU A 162 -26.57 12.75 16.59
C GLU A 162 -25.50 13.82 16.33
N THR A 163 -24.46 13.37 15.62
CA THR A 163 -23.33 14.16 15.22
C THR A 163 -23.22 13.83 13.72
N ARG A 164 -22.96 14.84 12.89
CA ARG A 164 -22.99 14.66 11.44
C ARG A 164 -21.77 15.41 10.92
N GLN A 165 -21.11 14.88 9.88
CA GLN A 165 -20.08 15.63 9.13
C GLN A 165 -20.30 15.40 7.67
N THR A 166 -20.08 16.45 6.88
CA THR A 166 -20.30 16.38 5.44
C THR A 166 -19.02 15.95 4.78
N ILE A 167 -19.09 14.91 3.97
CA ILE A 167 -17.93 14.42 3.26
C ILE A 167 -17.71 15.38 2.11
N MET A 168 -18.78 15.58 1.34
CA MET A 168 -18.83 16.43 0.15
C MET A 168 -20.31 16.60 -0.21
N GLU A 169 -20.63 17.65 -0.97
CA GLU A 169 -21.93 17.81 -1.60
C GLU A 169 -21.74 17.90 -3.12
N VAL A 170 -22.34 16.98 -3.88
CA VAL A 170 -22.15 16.93 -5.34
C VAL A 170 -23.47 16.75 -6.06
N ASP A 171 -23.51 17.07 -7.35
CA ASP A 171 -24.70 16.93 -8.21
C ASP A 171 -24.42 16.03 -9.44
N GLU A 172 -23.87 14.85 -9.19
CA GLU A 172 -23.56 13.90 -10.26
C GLU A 172 -23.41 12.52 -9.67
N PRO A 173 -23.46 11.46 -10.50
CA PRO A 173 -23.25 10.17 -9.87
C PRO A 173 -21.95 10.08 -9.06
N ALA A 174 -22.07 9.60 -7.84
CA ALA A 174 -20.91 9.49 -6.97
C ALA A 174 -20.93 8.21 -6.16
N ILE A 175 -19.79 7.88 -5.57
CA ILE A 175 -19.71 6.70 -4.69
C ILE A 175 -19.35 7.18 -3.30
N VAL A 176 -19.87 6.52 -2.26
CA VAL A 176 -19.62 6.88 -0.87
C VAL A 176 -19.20 5.67 -0.06
N GLN A 177 -18.19 5.82 0.80
CA GLN A 177 -17.75 4.74 1.67
C GLN A 177 -17.58 5.22 3.10
N GLY A 178 -17.97 4.40 4.07
CA GLY A 178 -17.66 4.73 5.45
C GLY A 178 -17.00 3.58 6.18
N ILE A 179 -16.05 3.90 7.06
CA ILE A 179 -15.42 2.85 7.87
C ILE A 179 -15.39 3.20 9.33
N HIS A 180 -15.10 2.25 10.20
CA HIS A 180 -14.90 2.56 11.62
C HIS A 180 -13.76 1.73 12.20
N ASN A 181 -13.30 2.12 13.38
CA ASN A 181 -12.54 1.25 14.21
C ASN A 181 -12.85 1.62 15.64
N THR A 182 -12.36 0.85 16.60
CA THR A 182 -12.62 1.16 17.99
C THR A 182 -11.32 1.47 18.69
N VAL A 183 -11.40 2.35 19.68
CA VAL A 183 -10.28 2.68 20.57
C VAL A 183 -9.67 1.39 21.21
N ALA A 184 -10.53 0.47 21.65
CA ALA A 184 -10.06 -0.71 22.36
C ALA A 184 -9.23 -1.60 21.49
N SER A 185 -9.70 -1.83 20.26
CA SER A 185 -9.02 -2.66 19.26
C SER A 185 -7.68 -2.12 18.85
N ILE A 186 -7.61 -0.81 18.64
CA ILE A 186 -6.34 -0.15 18.29
C ILE A 186 -5.32 -0.33 19.43
N GLY A 187 -5.82 -0.29 20.69
CA GLY A 187 -5.04 -0.57 21.87
C GLY A 187 -4.49 -1.97 21.98
N HIS A 188 -5.34 -2.94 21.71
CA HIS A 188 -4.88 -4.32 21.63
C HIS A 188 -3.83 -4.51 20.53
N PHE A 189 -4.05 -3.89 19.38
CA PHE A 189 -3.11 -3.89 18.22
C PHE A 189 -1.74 -3.31 18.60
N ALA A 190 -1.71 -2.15 19.24
CA ALA A 190 -0.41 -1.53 19.66
C ALA A 190 0.31 -2.47 20.61
N ARG A 191 -0.36 -2.87 21.69
CA ARG A 191 0.18 -3.86 22.63
C ARG A 191 0.69 -5.16 22.03
N ALA A 192 -0.08 -5.74 21.09
CA ALA A 192 0.35 -6.98 20.40
C ALA A 192 1.65 -6.78 19.62
N CYS A 193 1.81 -5.60 19.03
CA CYS A 193 3.00 -5.21 18.32
C CYS A 193 4.18 -5.00 19.26
N PHE A 194 3.95 -4.21 20.31
CA PHE A 194 4.99 -3.97 21.31
C PHE A 194 5.42 -5.25 22.04
N GLU A 195 4.47 -6.15 22.30
CA GLU A 195 4.79 -7.43 22.90
C GLU A 195 5.64 -8.28 21.95
N TYR A 196 5.23 -8.32 20.68
CA TYR A 196 5.90 -9.11 19.67
C TYR A 196 7.34 -8.65 19.49
N SER A 197 7.56 -7.34 19.44
CA SER A 197 8.88 -6.78 19.23
C SER A 197 9.82 -7.10 20.36
N LEU A 198 9.35 -6.99 21.60
CA LEU A 198 10.12 -7.35 22.76
C LEU A 198 10.43 -8.82 22.78
N ASP A 199 9.45 -9.65 22.51
CA ASP A 199 9.68 -11.05 22.60
C ASP A 199 10.78 -11.46 21.60
N GLN A 200 10.70 -10.89 20.40
CA GLN A 200 11.55 -11.25 19.27
C GLN A 200 12.78 -10.38 19.19
N LYS A 201 12.82 -9.32 20.00
CA LYS A 201 13.94 -8.31 20.08
C LYS A 201 14.24 -7.65 18.76
N ILE A 202 13.19 -7.10 18.16
CA ILE A 202 13.32 -6.35 16.92
C ILE A 202 12.64 -5.02 17.09
N ASP A 203 13.05 -4.02 16.33
CA ASP A 203 12.34 -2.74 16.33
C ASP A 203 10.89 -2.86 15.79
N CYS A 204 10.08 -1.88 16.16
CA CYS A 204 8.73 -1.73 15.73
C CYS A 204 8.64 -0.41 14.99
N TRP A 205 8.15 -0.47 13.76
CA TRP A 205 7.81 0.66 12.90
C TRP A 205 6.27 0.69 12.66
N PHE A 206 5.66 1.87 12.74
CA PHE A 206 4.25 2.07 12.43
C PHE A 206 4.16 3.35 11.60
N ALA A 207 3.11 3.48 10.79
CA ALA A 207 2.94 4.58 9.88
C ALA A 207 1.48 4.65 9.47
N THR A 208 0.98 5.86 9.33
CA THR A 208 -0.36 6.11 8.78
C THR A 208 -0.21 7.39 7.97
N LYS A 209 -1.33 8.02 7.56
CA LYS A 209 -1.30 9.36 6.95
C LYS A 209 -2.09 10.40 7.79
N ASP A 210 -1.59 10.61 9.00
CA ASP A 210 -2.30 11.36 10.04
C ASP A 210 -2.38 12.87 9.72
N THR A 211 -1.64 13.29 8.70
CA THR A 211 -1.68 14.67 8.23
C THR A 211 -2.89 14.88 7.30
N ILE A 212 -3.40 13.80 6.68
CA ILE A 212 -4.62 13.90 5.89
C ILE A 212 -5.81 13.42 6.72
N SER A 213 -5.60 12.31 7.44
CA SER A 213 -6.64 11.71 8.27
C SER A 213 -6.43 12.17 9.72
N LYS A 214 -6.97 13.34 9.98
CA LYS A 214 -6.60 14.10 11.14
C LYS A 214 -7.26 13.59 12.40
N GLN A 215 -8.32 12.80 12.28
CA GLN A 215 -8.93 12.26 13.48
C GLN A 215 -8.91 10.75 13.49
N TYR A 216 -8.82 10.13 12.32
CA TYR A 216 -8.96 8.69 12.21
C TYR A 216 -7.60 8.03 12.36
N ASP A 217 -6.71 8.29 11.40
CA ASP A 217 -5.33 7.80 11.45
C ASP A 217 -4.57 8.41 12.60
N GLN A 218 -4.82 9.70 12.83
CA GLN A 218 -4.20 10.37 13.94
C GLN A 218 -4.54 9.76 15.29
N ARG A 219 -5.76 9.24 15.45
CA ARG A 219 -6.14 8.36 16.58
C ARG A 219 -5.23 7.14 16.78
N PHE A 220 -4.86 6.47 15.69
CA PHE A 220 -3.94 5.32 15.77
C PHE A 220 -2.54 5.80 16.28
N LYS A 221 -1.99 6.85 15.65
CA LYS A 221 -0.73 7.51 16.06
C LYS A 221 -0.74 7.89 17.54
N ILE A 222 -1.79 8.52 17.99
CA ILE A 222 -1.92 8.95 19.40
C ILE A 222 -1.81 7.78 20.35
N ILE A 223 -2.65 6.76 20.13
CA ILE A 223 -2.75 5.51 20.93
C ILE A 223 -1.41 4.73 21.01
N PHE A 224 -0.69 4.63 19.89
CA PHE A 224 0.61 3.94 19.88
C PHE A 224 1.64 4.70 20.74
N GLU A 225 1.76 6.01 20.51
CA GLU A 225 2.52 6.95 21.37
C GLU A 225 2.24 6.89 22.90
N GLU A 226 0.99 6.87 23.29
CA GLU A 226 0.61 6.85 24.70
C GLU A 226 0.83 5.49 25.33
N ILE A 227 0.32 4.44 24.69
CA ILE A 227 0.65 3.09 25.11
C ILE A 227 2.17 2.88 25.16
N PHE A 228 2.89 3.20 24.10
CA PHE A 228 4.37 3.10 24.15
C PHE A 228 4.98 3.85 25.39
N ALA A 229 4.77 5.15 25.48
CA ALA A 229 5.34 5.97 26.57
C ALA A 229 4.94 5.54 28.00
N GLN A 230 3.71 5.04 28.17
CA GLN A 230 3.18 4.62 29.47
C GLN A 230 3.46 3.17 29.84
N GLU A 231 3.84 2.34 28.88
CA GLU A 231 3.94 0.89 29.14
C GLU A 231 5.16 0.16 28.58
N TYR A 232 5.82 0.71 27.57
CA TYR A 232 6.84 -0.08 26.84
C TYR A 232 8.18 0.62 26.68
N LYS A 233 8.20 1.94 26.83
CA LYS A 233 9.38 2.75 26.54
C LYS A 233 10.65 2.19 27.21
N GLU A 234 10.49 1.82 28.48
CA GLU A 234 11.60 1.35 29.26
C GLU A 234 12.02 -0.09 29.01
N LYS A 235 11.05 -0.97 28.87
CA LYS A 235 11.31 -2.33 28.46
C LYS A 235 12.06 -2.28 27.11
N PHE A 236 11.58 -1.43 26.19
CA PHE A 236 12.27 -1.19 24.92
C PHE A 236 13.72 -0.78 25.15
N ALA A 237 13.96 0.28 25.91
CA ALA A 237 15.34 0.70 26.21
C ALA A 237 16.21 -0.41 26.84
N ALA A 238 15.68 -1.11 27.85
CA ALA A 238 16.33 -2.31 28.42
C ALA A 238 16.70 -3.40 27.36
N ALA A 239 15.77 -3.69 26.43
CA ALA A 239 15.98 -4.74 25.43
C ALA A 239 16.79 -4.21 24.24
N GLY A 240 16.96 -2.90 24.18
CA GLY A 240 17.80 -2.24 23.15
C GLY A 240 17.18 -2.12 21.75
N ILE A 241 15.88 -1.92 21.73
CA ILE A 241 15.12 -1.88 20.49
C ILE A 241 14.31 -0.59 20.56
N GLU A 242 13.71 -0.19 19.44
CA GLU A 242 13.13 1.17 19.31
C GLU A 242 11.77 1.08 18.66
N TYR A 243 10.88 2.00 19.05
CA TYR A 243 9.70 2.30 18.30
C TYR A 243 9.96 3.48 17.37
N PHE A 244 9.62 3.30 16.11
CA PHE A 244 9.75 4.37 15.12
C PHE A 244 8.40 4.66 14.44
N TYR A 245 7.90 5.91 14.54
CA TYR A 245 6.66 6.29 13.84
C TYR A 245 6.94 7.24 12.68
N THR A 246 6.38 6.95 11.52
CA THR A 246 6.42 7.93 10.42
C THR A 246 5.17 7.93 9.53
N LEU A 247 5.19 8.67 8.41
CA LEU A 247 4.06 8.72 7.49
C LEU A 247 4.17 7.53 6.55
N ILE A 248 3.05 7.03 6.04
CA ILE A 248 3.05 5.73 5.32
C ILE A 248 3.79 5.73 3.98
N ASP A 249 3.62 6.80 3.17
CA ASP A 249 4.42 6.91 1.92
C ASP A 249 5.92 6.95 2.27
N ASP A 250 6.28 7.57 3.40
CA ASP A 250 7.69 7.64 3.83
C ASP A 250 8.23 6.29 4.31
N VAL A 251 7.45 5.57 5.12
CA VAL A 251 7.90 4.26 5.61
C VAL A 251 8.24 3.27 4.51
N VAL A 252 7.45 3.30 3.44
CA VAL A 252 7.66 2.41 2.31
C VAL A 252 8.91 2.78 1.50
N ALA A 253 9.17 4.07 1.30
CA ALA A 253 10.48 4.56 0.88
C ALA A 253 11.63 4.01 1.71
N ARG A 254 11.57 4.09 3.05
CA ARG A 254 12.67 3.61 3.87
C ARG A 254 12.82 2.11 3.76
N MET A 255 11.69 1.42 3.62
CA MET A 255 11.65 -0.01 3.51
C MET A 255 12.41 -0.54 2.30
N MET A 256 12.47 0.26 1.23
CA MET A 256 13.18 -0.14 0.00
C MET A 256 14.69 -0.11 0.14
N LYS A 257 15.17 0.64 1.13
CA LYS A 257 16.62 0.84 1.42
C LYS A 257 17.06 0.16 2.73
N THR A 258 16.10 -0.41 3.43
CA THR A 258 16.44 -1.01 4.71
C THR A 258 17.04 -2.42 4.52
N GLU A 259 17.81 -2.85 5.50
CA GLU A 259 18.28 -4.22 5.54
C GLU A 259 17.26 -5.19 6.17
N GLY A 260 16.14 -4.62 6.64
CA GLY A 260 15.08 -5.41 7.25
C GLY A 260 15.29 -5.63 8.72
N GLY A 261 14.68 -6.67 9.27
CA GLY A 261 14.88 -7.05 10.67
C GLY A 261 14.00 -6.34 11.67
N MET A 262 12.87 -5.81 11.22
CA MET A 262 11.95 -5.12 12.13
C MET A 262 10.56 -5.72 12.06
N LEU A 263 9.73 -5.29 13.01
CA LEU A 263 8.28 -5.55 12.99
C LEU A 263 7.65 -4.32 12.38
N TRP A 264 7.00 -4.50 11.23
CA TRP A 264 6.33 -3.42 10.52
C TRP A 264 4.85 -3.50 10.91
N ALA A 265 4.44 -2.68 11.89
CA ALA A 265 3.02 -2.60 12.25
C ALA A 265 2.25 -1.91 11.11
N CYS A 266 1.13 -2.50 10.70
CA CYS A 266 0.27 -1.95 9.65
C CYS A 266 -1.23 -1.94 10.00
N LYS A 267 -1.93 -0.88 9.63
CA LYS A 267 -3.37 -0.87 9.66
C LYS A 267 -3.88 -2.01 8.73
N ASN A 268 -5.12 -2.44 8.94
CA ASN A 268 -5.71 -3.58 8.26
C ASN A 268 -5.43 -3.58 6.74
N TYR A 269 -5.78 -2.50 6.07
CA TYR A 269 -5.58 -2.42 4.62
C TYR A 269 -4.13 -2.43 4.14
N ASP A 270 -3.29 -1.56 4.71
CA ASP A 270 -1.86 -1.52 4.47
C ASP A 270 -1.21 -2.86 4.71
N GLY A 271 -1.56 -3.55 5.81
CA GLY A 271 -1.00 -4.88 6.10
C GLY A 271 -1.34 -5.98 5.08
N ASP A 272 -2.47 -5.84 4.41
CA ASP A 272 -2.83 -6.75 3.31
C ASP A 272 -1.88 -6.54 2.13
N VAL A 273 -1.69 -5.27 1.75
CA VAL A 273 -0.86 -4.86 0.62
C VAL A 273 0.62 -5.20 0.87
N MET A 274 1.14 -4.72 2.01
CA MET A 274 2.54 -4.79 2.34
C MET A 274 2.98 -6.20 2.71
N SER A 275 2.08 -6.99 3.28
CA SER A 275 2.43 -8.38 3.52
C SER A 275 2.66 -9.16 2.22
N ASP A 276 1.88 -8.86 1.19
CA ASP A 276 2.13 -9.48 -0.15
C ASP A 276 3.45 -8.96 -0.83
N MET A 277 3.62 -7.64 -0.78
CA MET A 277 4.88 -6.99 -1.14
C MET A 277 6.06 -7.71 -0.46
N VAL A 278 6.01 -7.86 0.85
CA VAL A 278 7.11 -8.49 1.56
C VAL A 278 7.34 -10.01 1.23
N ALA A 279 6.27 -10.79 1.15
CA ALA A 279 6.37 -12.21 0.81
C ALA A 279 6.99 -12.35 -0.58
N SER A 280 6.46 -11.56 -1.53
CA SER A 280 6.89 -11.63 -2.92
C SER A 280 8.40 -11.29 -3.06
N ALA A 281 8.78 -10.17 -2.46
CA ALA A 281 10.14 -9.72 -2.44
C ALA A 281 11.12 -10.68 -1.78
N PHE A 282 10.76 -11.35 -0.71
CA PHE A 282 11.68 -12.30 -0.06
C PHE A 282 11.81 -13.64 -0.79
N GLY A 283 10.82 -13.97 -1.61
CA GLY A 283 10.69 -15.31 -2.18
C GLY A 283 9.50 -15.36 -3.12
N SER A 284 8.44 -15.98 -2.63
CA SER A 284 7.18 -15.97 -3.32
C SER A 284 6.12 -15.82 -2.27
N LEU A 285 4.93 -15.47 -2.72
CA LEU A 285 3.78 -15.41 -1.86
C LEU A 285 3.51 -16.63 -1.03
N ALA A 286 3.92 -17.81 -1.48
CA ALA A 286 3.63 -19.02 -0.74
C ALA A 286 4.59 -19.16 0.39
N MET A 287 5.71 -18.45 0.32
CA MET A 287 6.71 -18.51 1.38
C MET A 287 6.42 -17.50 2.48
N MET A 288 5.25 -17.63 3.12
CA MET A 288 4.89 -16.71 4.20
C MET A 288 4.07 -17.41 5.27
N SER A 289 4.42 -17.20 6.54
CA SER A 289 3.56 -17.67 7.61
C SER A 289 2.61 -16.54 8.03
N SER A 290 1.43 -16.91 8.54
CA SER A 290 0.40 -15.97 8.95
C SER A 290 -0.37 -16.53 10.16
N VAL A 291 -0.33 -15.81 11.27
CA VAL A 291 -1.15 -16.15 12.41
C VAL A 291 -1.88 -14.93 13.01
N LEU A 292 -3.20 -15.03 13.15
CA LEU A 292 -3.99 -14.08 13.88
C LEU A 292 -3.87 -14.36 15.37
N VAL A 293 -3.40 -13.35 16.09
CA VAL A 293 -3.25 -13.38 17.51
C VAL A 293 -4.30 -12.44 18.11
N SER A 294 -5.33 -13.03 18.71
CA SER A 294 -6.43 -12.30 19.34
C SER A 294 -6.21 -11.92 20.82
N PRO A 295 -6.72 -10.74 21.22
CA PRO A 295 -6.55 -10.26 22.60
C PRO A 295 -7.36 -11.11 23.60
N TYR A 296 -8.25 -11.96 23.11
CA TYR A 296 -9.09 -12.82 23.94
C TYR A 296 -8.55 -14.21 24.10
N GLY A 297 -7.32 -14.41 23.62
CA GLY A 297 -6.64 -15.67 23.77
C GLY A 297 -6.85 -16.69 22.66
N TYR A 298 -7.52 -16.34 21.58
CA TYR A 298 -7.58 -17.25 20.41
C TYR A 298 -6.41 -17.12 19.43
N PHE A 299 -6.23 -18.16 18.60
CA PHE A 299 -5.22 -18.15 17.52
C PHE A 299 -5.89 -18.72 16.27
N GLU A 300 -5.56 -18.12 15.12
CA GLU A 300 -5.98 -18.65 13.83
C GLU A 300 -4.76 -18.60 12.92
N TYR A 301 -4.38 -19.76 12.39
CA TYR A 301 -3.29 -19.89 11.48
C TYR A 301 -3.89 -20.05 10.09
N GLU A 302 -3.30 -19.39 9.10
CA GLU A 302 -3.83 -19.39 7.76
C GLU A 302 -2.65 -19.23 6.73
N ALA A 303 -2.92 -19.49 5.45
CA ALA A 303 -2.04 -18.98 4.38
C ALA A 303 -2.39 -17.47 4.08
N ALA A 304 -1.45 -16.61 3.70
CA ALA A 304 -1.83 -15.21 3.41
C ALA A 304 -2.28 -15.02 1.94
N HIS A 305 -1.96 -16.03 1.13
CA HIS A 305 -2.09 -15.91 -0.28
C HIS A 305 -3.50 -16.31 -0.68
N GLY A 306 -3.79 -16.38 -1.98
CA GLY A 306 -5.12 -16.71 -2.50
C GLY A 306 -5.21 -18.17 -2.93
N THR A 307 -6.25 -18.50 -3.67
CA THR A 307 -6.69 -19.89 -3.92
C THR A 307 -6.07 -20.44 -5.21
N VAL A 308 -5.11 -19.71 -5.76
CA VAL A 308 -4.42 -20.02 -7.02
C VAL A 308 -5.36 -20.50 -8.12
N GLN A 309 -6.26 -19.57 -8.48
CA GLN A 309 -7.30 -19.79 -9.50
C GLN A 309 -6.82 -20.33 -10.84
N ARG A 310 -5.68 -19.82 -11.36
CA ARG A 310 -5.16 -20.23 -12.68
C ARG A 310 -4.63 -21.65 -12.66
N HIS A 311 -3.97 -22.05 -11.57
CA HIS A 311 -3.56 -23.46 -11.38
C HIS A 311 -4.76 -24.37 -11.26
N TYR A 312 -5.81 -23.90 -10.60
CA TYR A 312 -7.06 -24.67 -10.51
C TYR A 312 -7.72 -25.05 -11.83
N TYR A 313 -7.82 -24.09 -12.76
CA TYR A 313 -8.33 -24.36 -14.12
C TYR A 313 -7.49 -25.38 -14.85
N GLN A 314 -6.17 -25.33 -14.62
CA GLN A 314 -5.25 -26.35 -15.12
C GLN A 314 -5.56 -27.71 -14.50
N HIS A 315 -5.70 -27.74 -13.18
CA HIS A 315 -6.16 -28.94 -12.50
C HIS A 315 -7.49 -29.54 -13.01
N LEU A 316 -8.48 -28.69 -13.22
CA LEU A 316 -9.75 -29.10 -13.85
C LEU A 316 -9.57 -29.65 -15.27
N LYS A 317 -8.49 -29.26 -15.97
CA LYS A 317 -8.22 -29.81 -17.29
C LYS A 317 -7.48 -31.13 -17.21
N GLY A 318 -7.13 -31.58 -16.00
CA GLY A 318 -6.45 -32.90 -15.86
C GLY A 318 -4.94 -32.77 -15.89
N GLU A 319 -4.46 -31.56 -15.62
CA GLU A 319 -3.03 -31.28 -15.52
C GLU A 319 -2.46 -31.33 -14.13
N ARG A 320 -1.22 -31.80 -14.04
CA ARG A 320 -0.45 -31.63 -12.80
C ARG A 320 0.05 -30.19 -12.75
N THR A 321 0.13 -29.66 -11.54
CA THR A 321 0.61 -28.29 -11.34
C THR A 321 1.75 -28.35 -10.35
N SER A 322 2.53 -27.28 -10.32
CA SER A 322 3.61 -27.15 -9.36
C SER A 322 3.17 -25.98 -8.48
N THR A 323 2.12 -26.22 -7.71
CA THR A 323 1.59 -25.22 -6.79
C THR A 323 2.32 -25.37 -5.51
N ASN A 324 2.94 -24.29 -5.04
CA ASN A 324 3.70 -24.31 -3.80
C ASN A 324 2.80 -24.49 -2.55
N PRO A 325 2.86 -25.67 -1.89
CA PRO A 325 1.90 -25.84 -0.75
C PRO A 325 2.44 -25.39 0.61
N VAL A 326 3.56 -24.67 0.65
CA VAL A 326 4.33 -24.43 1.90
C VAL A 326 3.60 -23.62 2.97
N ALA A 327 2.90 -22.58 2.57
CA ALA A 327 2.13 -21.72 3.49
C ALA A 327 0.95 -22.52 4.14
N LEU A 328 0.38 -23.44 3.36
CA LEU A 328 -0.67 -24.38 3.86
C LEU A 328 -0.11 -25.35 4.91
N ILE A 329 1.08 -25.84 4.61
CA ILE A 329 1.80 -26.66 5.55
C ILE A 329 2.10 -25.93 6.83
N TYR A 330 2.63 -24.72 6.74
CA TYR A 330 3.00 -23.94 7.93
C TYR A 330 1.78 -23.50 8.76
N ALA A 331 0.64 -23.37 8.08
CA ALA A 331 -0.69 -23.13 8.72
C ALA A 331 -1.05 -24.33 9.60
N TRP A 332 -0.97 -25.50 9.01
CA TRP A 332 -1.11 -26.73 9.79
C TRP A 332 -0.13 -26.90 10.92
N THR A 333 1.17 -26.81 10.62
CA THR A 333 2.14 -26.96 11.71
C THR A 333 2.10 -25.76 12.67
N GLY A 334 1.76 -24.55 12.21
CA GLY A 334 1.60 -23.45 13.17
C GLY A 334 0.43 -23.74 14.14
N ALA A 335 -0.69 -24.20 13.59
CA ALA A 335 -1.89 -24.52 14.42
C ALA A 335 -1.70 -25.70 15.38
N LEU A 336 -1.18 -26.82 14.86
CA LEU A 336 -0.87 -28.02 15.64
C LEU A 336 0.15 -27.73 16.73
N ARG A 337 1.12 -26.86 16.46
CA ARG A 337 2.07 -26.52 17.50
C ARG A 337 1.39 -25.82 18.66
N LYS A 338 0.58 -24.82 18.36
CA LYS A 338 -0.15 -24.06 19.38
C LYS A 338 -1.13 -24.92 20.16
N ARG A 339 -1.84 -25.80 19.48
CA ARG A 339 -2.71 -26.80 20.08
C ARG A 339 -1.92 -27.66 21.11
N GLY A 340 -0.81 -28.26 20.71
CA GLY A 340 -0.03 -29.10 21.61
C GLY A 340 0.55 -28.34 22.81
N GLU A 341 0.90 -27.10 22.56
CA GLU A 341 1.38 -26.23 23.61
C GLU A 341 0.25 -25.93 24.63
N LEU A 342 -0.91 -25.51 24.14
CA LEU A 342 -2.05 -25.34 25.03
C LEU A 342 -2.41 -26.61 25.80
N ASP A 343 -2.29 -27.76 25.18
CA ASP A 343 -2.67 -29.06 25.77
C ASP A 343 -1.61 -29.78 26.61
N GLY A 344 -0.36 -29.31 26.62
CA GLY A 344 0.69 -30.06 27.25
C GLY A 344 0.93 -31.39 26.52
N THR A 345 0.85 -31.37 25.21
CA THR A 345 1.26 -32.50 24.38
C THR A 345 2.47 -32.11 23.49
N PRO A 346 3.70 -32.09 24.07
CA PRO A 346 4.85 -31.53 23.33
C PRO A 346 5.39 -32.41 22.19
N ASP A 347 5.03 -33.70 22.12
CA ASP A 347 5.38 -34.49 20.91
C ASP A 347 4.70 -33.93 19.63
N LEU A 348 3.45 -33.44 19.73
CA LEU A 348 2.81 -32.70 18.65
C LEU A 348 3.66 -31.51 18.23
N CYS A 349 4.06 -30.68 19.18
CA CYS A 349 4.98 -29.54 18.94
C CYS A 349 6.30 -30.01 18.28
N ALA A 350 6.91 -31.07 18.84
CA ALA A 350 8.10 -31.69 18.23
C ALA A 350 7.88 -32.08 16.78
N PHE A 351 6.76 -32.71 16.46
CA PHE A 351 6.50 -33.08 15.08
C PHE A 351 6.50 -31.87 14.17
N CYS A 352 5.90 -30.77 14.64
CA CYS A 352 5.76 -29.54 13.89
C CYS A 352 7.10 -28.90 13.57
N ASP A 353 7.98 -28.88 14.55
CA ASP A 353 9.37 -28.44 14.38
C ASP A 353 10.06 -29.22 13.25
N SER A 354 9.83 -30.53 13.21
CA SER A 354 10.41 -31.42 12.23
C SER A 354 9.87 -31.21 10.84
N LEU A 355 8.55 -31.17 10.72
CA LEU A 355 7.97 -31.01 9.42
C LEU A 355 8.36 -29.67 8.82
N GLU A 356 8.44 -28.60 9.62
CA GLU A 356 8.98 -27.33 9.12
C GLU A 356 10.46 -27.37 8.65
N ALA A 357 11.31 -27.99 9.46
CA ALA A 357 12.72 -28.17 9.15
C ALA A 357 12.95 -29.04 7.90
N ILE A 358 12.14 -30.09 7.75
CA ILE A 358 12.19 -30.94 6.56
C ILE A 358 11.83 -30.22 5.27
N THR A 359 10.77 -29.39 5.33
CA THR A 359 10.31 -28.52 4.23
C THR A 359 11.44 -27.60 3.73
N ILE A 360 12.08 -26.87 4.65
CA ILE A 360 13.22 -25.98 4.40
C ILE A 360 14.42 -26.78 3.85
N GLU A 361 14.83 -27.84 4.54
CA GLU A 361 15.92 -28.66 4.07
C GLU A 361 15.63 -29.32 2.69
N CYS A 362 14.38 -29.71 2.42
CA CYS A 362 14.04 -30.20 1.06
C CYS A 362 14.31 -29.17 -0.02
N ILE A 363 13.78 -27.95 0.13
CA ILE A 363 13.94 -26.90 -0.86
C ILE A 363 15.45 -26.51 -1.06
N GLU A 364 16.17 -26.37 0.06
CA GLU A 364 17.60 -25.99 0.11
C GLU A 364 18.50 -27.02 -0.57
N SER A 365 18.09 -28.29 -0.55
CA SER A 365 18.71 -29.39 -1.32
C SER A 365 18.44 -29.37 -2.83
N GLY A 366 17.57 -28.46 -3.25
CA GLY A 366 17.27 -28.32 -4.66
C GLY A 366 16.04 -29.03 -5.18
N TYR A 367 15.12 -29.42 -4.28
CA TYR A 367 13.84 -30.05 -4.63
C TYR A 367 12.66 -29.13 -4.33
N MET A 368 12.01 -28.60 -5.35
CA MET A 368 11.14 -27.48 -5.10
C MET A 368 10.16 -27.30 -6.20
N THR A 369 9.11 -26.56 -5.88
CA THR A 369 8.07 -26.24 -6.86
C THR A 369 8.59 -25.14 -7.73
N GLY A 370 7.90 -24.88 -8.83
CA GLY A 370 8.37 -24.03 -9.90
C GLY A 370 8.56 -22.56 -9.60
N ASP A 371 7.71 -22.01 -8.71
CA ASP A 371 7.88 -20.61 -8.23
C ASP A 371 9.27 -20.37 -7.64
N LEU A 372 9.75 -21.34 -6.86
CA LEU A 372 11.03 -21.22 -6.21
C LEU A 372 12.16 -21.56 -7.14
N ALA A 373 11.95 -22.52 -8.04
CA ALA A 373 12.94 -22.86 -9.09
C ALA A 373 13.38 -21.71 -10.03
N ARG A 374 12.42 -20.84 -10.36
CA ARG A 374 12.65 -19.67 -11.15
C ARG A 374 13.63 -18.73 -10.49
N ILE A 375 13.85 -18.86 -9.18
CA ILE A 375 14.60 -17.80 -8.48
C ILE A 375 15.68 -18.35 -7.57
N CYS A 376 15.84 -19.66 -7.45
CA CYS A 376 16.88 -20.11 -6.57
C CYS A 376 18.29 -19.96 -7.25
N GLU A 377 19.34 -19.97 -6.42
CA GLU A 377 20.75 -19.98 -6.81
C GLU A 377 21.48 -20.90 -5.81
N PRO A 378 22.12 -22.00 -6.30
CA PRO A 378 22.24 -22.45 -7.67
C PRO A 378 20.92 -23.04 -8.17
N ALA A 379 20.90 -23.46 -9.42
CA ALA A 379 19.69 -24.02 -10.04
C ALA A 379 19.19 -25.26 -9.28
N ALA A 380 17.87 -25.45 -9.35
CA ALA A 380 17.20 -26.60 -8.75
C ALA A 380 17.74 -27.91 -9.29
N ILE A 381 17.64 -28.97 -8.50
CA ILE A 381 17.92 -30.27 -9.04
C ILE A 381 16.67 -30.82 -9.75
N LYS A 382 15.51 -30.67 -9.09
CA LYS A 382 14.23 -31.12 -9.57
C LYS A 382 13.12 -30.11 -9.21
N VAL A 383 12.37 -29.77 -10.24
CA VAL A 383 11.21 -28.91 -10.18
C VAL A 383 10.02 -29.83 -10.02
N LEU A 384 9.57 -29.96 -8.77
CA LEU A 384 8.52 -30.95 -8.41
C LEU A 384 7.15 -30.35 -8.64
N ASP A 385 6.22 -31.19 -9.09
CA ASP A 385 4.85 -30.75 -9.13
C ASP A 385 4.33 -30.89 -7.67
N SER A 386 3.18 -30.30 -7.36
CA SER A 386 2.69 -30.33 -5.94
C SER A 386 2.70 -31.65 -5.18
N ILE A 387 2.12 -32.67 -5.82
CA ILE A 387 2.01 -34.04 -5.31
C ILE A 387 3.39 -34.64 -5.03
N GLU A 388 4.33 -34.47 -5.96
CA GLU A 388 5.73 -34.97 -5.80
C GLU A 388 6.43 -34.31 -4.65
N PHE A 389 6.31 -32.97 -4.57
CA PHE A 389 6.87 -32.19 -3.44
C PHE A 389 6.36 -32.68 -2.09
N ILE A 390 5.05 -32.83 -2.00
CA ILE A 390 4.40 -33.28 -0.76
C ILE A 390 4.81 -34.73 -0.42
N ASP A 391 4.84 -35.63 -1.42
CA ASP A 391 5.46 -37.00 -1.26
C ASP A 391 6.93 -37.02 -0.81
N GLU A 392 7.73 -36.11 -1.35
CA GLU A 392 9.11 -35.98 -0.94
C GLU A 392 9.23 -35.64 0.56
N LEU A 393 8.46 -34.66 1.06
CA LEU A 393 8.44 -34.36 2.52
C LEU A 393 7.91 -35.53 3.31
N GLY A 394 6.92 -36.22 2.74
CA GLY A 394 6.36 -37.45 3.33
C GLY A 394 7.41 -38.56 3.53
N LYS A 395 8.14 -38.84 2.46
CA LYS A 395 9.30 -39.72 2.47
C LYS A 395 10.32 -39.34 3.54
N ARG A 396 10.70 -38.06 3.61
CA ARG A 396 11.65 -37.59 4.66
C ARG A 396 11.13 -37.76 6.07
N LEU A 397 9.82 -37.55 6.25
CA LEU A 397 9.19 -37.80 7.54
C LEU A 397 9.32 -39.26 7.94
N GLN A 398 9.03 -40.15 7.01
CA GLN A 398 9.13 -41.59 7.22
C GLN A 398 10.56 -42.07 7.55
N GLN A 399 11.56 -41.50 6.85
CA GLN A 399 13.00 -41.78 7.07
C GLN A 399 13.53 -41.23 8.42
N LEU A 400 12.62 -40.98 9.36
CA LEU A 400 12.98 -40.67 10.74
C LEU A 400 12.19 -41.62 11.65
N ASN A 401 11.24 -42.35 11.05
CA ASN A 401 10.06 -42.94 11.70
C ASN A 401 9.37 -41.88 12.62
N LYS A 402 8.45 -41.07 12.09
CA LYS A 402 8.00 -39.87 12.84
C LYS A 402 6.52 -39.84 13.27
N MET B 1 20.45 37.32 -26.40
CA MET B 1 20.16 37.58 -24.96
C MET B 1 19.15 36.55 -24.38
N LYS B 2 18.76 36.79 -23.12
CA LYS B 2 17.79 35.97 -22.35
C LYS B 2 16.49 35.66 -23.10
N ILE B 3 15.89 34.50 -22.83
CA ILE B 3 14.68 34.03 -23.56
C ILE B 3 13.37 34.55 -22.92
N GLN B 4 12.32 34.66 -23.73
CA GLN B 4 11.01 35.16 -23.27
C GLN B 4 9.88 34.42 -23.98
N LYS B 6 5.93 35.34 -22.29
CA LYS B 6 4.58 35.89 -22.51
C LYS B 6 3.73 35.84 -21.23
N THR B 7 3.25 34.64 -20.91
CA THR B 7 2.26 34.40 -19.84
C THR B 7 2.92 33.87 -18.57
N PRO B 8 2.52 34.41 -17.39
CA PRO B 8 3.20 33.96 -16.19
C PRO B 8 2.81 32.53 -15.82
N LEU B 9 3.81 31.65 -15.81
CA LEU B 9 3.72 30.34 -15.19
C LEU B 9 3.47 30.62 -13.70
N VAL B 10 2.52 29.93 -13.08
CA VAL B 10 2.12 30.24 -11.69
C VAL B 10 3.07 29.56 -10.71
N GLU B 11 3.34 30.22 -9.58
CA GLU B 11 4.39 29.77 -8.68
C GLU B 11 3.97 29.72 -7.21
N LEU B 12 4.09 28.52 -6.65
CA LEU B 12 3.73 28.27 -5.28
C LEU B 12 5.00 27.87 -4.56
N ASP B 13 5.11 28.21 -3.30
CA ASP B 13 6.40 28.11 -2.65
C ASP B 13 6.31 27.32 -1.36
N GLY B 14 7.42 26.70 -0.98
CA GLY B 14 7.39 25.61 -0.03
C GLY B 14 7.47 25.99 1.42
N ASP B 15 7.90 25.01 2.21
CA ASP B 15 8.30 25.21 3.59
C ASP B 15 9.71 24.62 3.77
N GLU B 16 10.13 24.50 5.03
CA GLU B 16 11.42 23.94 5.44
C GLU B 16 12.57 23.97 4.39
N MET B 17 13.29 22.86 4.20
CA MET B 17 14.52 22.86 3.37
C MET B 17 14.33 23.14 1.87
N THR B 18 13.16 22.84 1.33
CA THR B 18 12.92 22.95 -0.11
C THR B 18 12.67 24.40 -0.55
N ARG B 19 12.04 25.18 0.34
CA ARG B 19 12.00 26.65 0.20
C ARG B 19 13.42 27.22 0.06
N VAL B 20 14.27 26.91 1.05
CA VAL B 20 15.71 27.21 1.07
C VAL B 20 16.48 26.95 -0.24
N LEU B 21 15.92 26.12 -1.14
CA LEU B 21 16.61 25.76 -2.39
C LEU B 21 15.89 26.22 -3.66
N TRP B 22 14.80 26.96 -3.48
CA TRP B 22 14.08 27.55 -4.59
C TRP B 22 14.81 28.74 -5.24
N PRO B 23 15.26 29.73 -4.43
CA PRO B 23 16.08 30.81 -5.00
C PRO B 23 17.26 30.29 -5.86
N LEU B 24 18.03 29.35 -5.33
CA LEU B 24 19.23 28.84 -6.00
C LEU B 24 18.97 28.27 -7.40
N ILE B 25 17.85 27.57 -7.58
CA ILE B 25 17.44 27.08 -8.90
C ILE B 25 16.97 28.24 -9.80
N LYS B 26 16.29 29.22 -9.19
CA LYS B 26 15.78 30.37 -9.94
C LYS B 26 16.97 31.20 -10.43
N ASP B 27 17.71 31.75 -9.46
CA ASP B 27 18.91 32.59 -9.66
C ASP B 27 19.95 32.02 -10.61
N LYS B 28 20.40 30.79 -10.34
CA LYS B 28 21.50 30.15 -11.09
C LYS B 28 21.13 29.42 -12.38
N LEU B 29 19.96 28.78 -12.44
CA LEU B 29 19.68 27.87 -13.56
C LEU B 29 18.69 28.38 -14.62
N LEU B 30 17.84 29.31 -14.21
CA LEU B 30 16.82 29.86 -15.13
C LEU B 30 16.89 31.38 -15.32
N LEU B 31 17.20 32.12 -14.25
CA LEU B 31 17.22 33.60 -14.32
C LEU B 31 18.27 34.20 -15.27
N PRO B 32 19.52 33.67 -15.29
CA PRO B 32 20.52 34.20 -16.20
C PRO B 32 20.27 33.89 -17.69
N PHE B 33 19.24 33.10 -17.97
CA PHE B 33 19.04 32.61 -19.35
C PHE B 33 17.61 32.81 -19.86
N ILE B 34 16.74 33.39 -19.02
CA ILE B 34 15.33 33.60 -19.39
C ILE B 34 14.66 34.79 -18.64
N ASP B 35 13.69 35.43 -19.31
CA ASP B 35 12.75 36.46 -18.75
C ASP B 35 11.70 35.82 -17.79
N LEU B 36 11.94 35.84 -16.47
CA LEU B 36 11.12 35.00 -15.55
C LEU B 36 9.82 35.61 -15.00
N GLN B 37 8.74 35.33 -15.72
CA GLN B 37 7.38 35.74 -15.33
C GLN B 37 6.67 34.72 -14.40
N THR B 38 6.46 35.16 -13.15
CA THR B 38 5.97 34.32 -12.06
C THR B 38 4.81 35.00 -11.32
N GLU B 39 3.74 34.24 -11.07
CA GLU B 39 2.68 34.68 -10.16
C GLU B 39 2.91 34.02 -8.79
N TYR B 40 3.47 34.79 -7.87
CA TYR B 40 4.03 34.22 -6.67
C TYR B 40 3.02 34.07 -5.51
N TYR B 41 2.90 32.84 -5.02
CA TYR B 41 2.09 32.52 -3.86
C TYR B 41 2.92 31.72 -2.87
N ASP B 42 3.30 32.40 -1.79
CA ASP B 42 4.01 31.79 -0.69
C ASP B 42 3.09 30.83 0.10
N LEU B 43 3.09 29.56 -0.29
CA LEU B 43 2.30 28.57 0.43
C LEU B 43 3.04 28.00 1.67
N GLY B 44 3.87 28.81 2.32
CA GLY B 44 4.56 28.42 3.55
C GLY B 44 3.60 28.35 4.72
N ILE B 45 3.89 27.49 5.68
CA ILE B 45 2.96 27.23 6.81
C ILE B 45 2.55 28.51 7.61
N GLU B 46 3.52 29.42 7.80
CA GLU B 46 3.32 30.70 8.52
C GLU B 46 2.37 31.63 7.78
N GLU B 47 2.54 31.72 6.45
CA GLU B 47 1.65 32.49 5.57
C GLU B 47 0.18 31.99 5.52
N ARG B 48 -0.01 30.69 5.28
CA ARG B 48 -1.35 30.11 5.26
C ARG B 48 -2.03 30.31 6.62
N ASP B 49 -1.29 30.20 7.72
CA ASP B 49 -1.83 30.48 9.08
C ASP B 49 -2.15 31.97 9.31
N ARG B 50 -1.62 32.86 8.47
CA ARG B 50 -2.03 34.27 8.51
C ARG B 50 -3.31 34.49 7.71
N THR B 51 -3.27 34.09 6.43
CA THR B 51 -4.37 34.28 5.46
C THR B 51 -5.52 33.28 5.60
N ASN B 52 -5.48 32.49 6.68
CA ASN B 52 -6.45 31.41 6.92
C ASN B 52 -6.56 30.35 5.79
N ASP B 53 -5.44 30.18 5.08
CA ASP B 53 -5.30 29.21 4.00
C ASP B 53 -5.81 29.74 2.65
N GLN B 54 -6.27 30.99 2.61
CA GLN B 54 -6.75 31.64 1.38
C GLN B 54 -5.69 31.64 0.31
N ILE B 55 -4.45 31.82 0.73
CA ILE B 55 -3.35 31.87 -0.22
C ILE B 55 -3.32 30.60 -1.12
N THR B 56 -3.76 29.49 -0.56
CA THR B 56 -3.81 28.21 -1.28
C THR B 56 -4.89 28.21 -2.36
N ILE B 57 -6.10 28.66 -2.00
CA ILE B 57 -7.21 28.81 -2.95
C ILE B 57 -6.87 29.84 -4.03
N ASP B 58 -6.56 31.08 -3.63
CA ASP B 58 -6.07 32.13 -4.57
C ASP B 58 -5.12 31.46 -5.53
N ALA B 59 -4.11 30.80 -4.95
CA ALA B 59 -3.03 30.15 -5.68
C ALA B 59 -3.49 29.13 -6.74
N ALA B 60 -4.49 28.32 -6.39
CA ALA B 60 -5.02 27.30 -7.29
C ALA B 60 -5.96 27.89 -8.36
N GLU B 61 -6.61 29.02 -8.05
CA GLU B 61 -7.39 29.78 -9.05
C GLU B 61 -6.45 30.35 -10.13
N ALA B 62 -5.32 30.91 -9.69
CA ALA B 62 -4.28 31.37 -10.62
C ALA B 62 -3.87 30.32 -11.65
N ILE B 63 -3.78 29.04 -11.25
CA ILE B 63 -3.47 27.92 -12.17
C ILE B 63 -4.66 27.65 -13.11
N LYS B 64 -5.89 27.67 -12.57
CA LYS B 64 -7.11 27.69 -13.42
C LYS B 64 -7.05 28.85 -14.44
N LYS B 65 -6.78 30.07 -13.93
CA LYS B 65 -6.64 31.31 -14.73
C LYS B 65 -5.53 31.28 -15.80
N TYR B 66 -4.28 30.99 -15.41
CA TYR B 66 -3.15 31.06 -16.36
C TYR B 66 -2.87 29.79 -17.18
N GLY B 67 -2.95 28.61 -16.54
CA GLY B 67 -2.88 27.34 -17.26
C GLY B 67 -1.87 26.30 -16.79
N VAL B 68 -0.72 26.76 -16.28
CA VAL B 68 0.39 25.89 -15.88
C VAL B 68 1.05 26.42 -14.59
N GLY B 69 1.17 25.53 -13.59
CA GLY B 69 1.74 25.87 -12.28
C GLY B 69 3.03 25.12 -11.98
N VAL B 70 3.70 25.58 -10.92
CA VAL B 70 4.92 24.96 -10.41
C VAL B 70 4.91 25.05 -8.89
N LYS B 71 4.97 23.89 -8.23
CA LYS B 71 4.78 23.85 -6.79
C LYS B 71 5.97 23.30 -6.01
N ASN B 72 6.32 24.01 -4.95
CA ASN B 72 7.34 23.55 -4.04
C ASN B 72 6.73 22.70 -2.94
N ALA B 73 7.50 21.71 -2.47
CA ALA B 73 7.04 20.85 -1.40
C ALA B 73 6.58 21.71 -0.23
N THR B 74 5.41 21.41 0.31
CA THR B 74 4.87 22.19 1.43
C THR B 74 4.86 21.29 2.64
N ILE B 75 4.60 21.86 3.82
CA ILE B 75 4.19 21.02 4.99
C ILE B 75 2.66 21.00 5.14
N THR B 76 2.14 19.83 5.57
CA THR B 76 0.74 19.67 5.97
C THR B 76 0.76 19.35 7.47
N PRO B 77 -0.03 20.11 8.28
CA PRO B 77 0.01 20.15 9.76
C PRO B 77 -0.81 19.11 10.52
N ASN B 78 -0.14 18.45 11.49
CA ASN B 78 -0.83 17.61 12.50
C ASN B 78 -0.77 18.29 13.87
N GLN B 79 -1.51 17.79 14.86
CA GLN B 79 -1.47 18.36 16.22
C GLN B 79 -0.03 18.72 16.66
N ASP B 80 0.93 17.90 16.22
CA ASP B 80 2.38 18.10 16.42
C ASP B 80 2.89 19.42 15.81
N ARG B 81 2.38 19.75 14.63
CA ARG B 81 2.80 20.95 13.87
C ARG B 81 2.20 22.21 14.45
N VAL B 82 1.07 22.03 15.13
CA VAL B 82 0.34 23.11 15.79
C VAL B 82 0.98 23.42 17.17
N GLU B 83 1.47 22.40 17.88
CA GLU B 83 2.32 22.59 19.07
C GLU B 83 3.62 23.25 18.63
N GLU B 84 4.18 22.81 17.50
CA GLU B 84 5.46 23.34 16.96
C GLU B 84 5.34 24.82 16.53
N TYR B 85 4.61 25.06 15.44
CA TYR B 85 4.54 26.38 14.86
C TYR B 85 3.62 27.37 15.59
N GLY B 86 3.59 28.61 15.08
CA GLY B 86 2.52 29.54 15.41
C GLY B 86 1.31 29.17 14.56
N LEU B 87 0.48 28.25 15.05
CA LEU B 87 -0.65 27.67 14.27
C LEU B 87 -2.03 27.69 14.90
N LYS B 88 -2.98 28.28 14.16
CA LYS B 88 -4.39 28.40 14.58
C LYS B 88 -5.12 27.05 14.50
N GLU B 89 -4.95 26.37 13.36
CA GLU B 89 -5.66 25.14 13.03
C GLU B 89 -4.64 24.14 12.45
N GLN B 90 -4.94 22.84 12.50
CA GLN B 90 -4.23 21.88 11.65
C GLN B 90 -4.84 22.05 10.27
N TRP B 91 -4.21 22.89 9.45
CA TRP B 91 -4.73 23.24 8.14
C TRP B 91 -4.78 22.03 7.19
N LYS B 92 -5.69 22.07 6.21
CA LYS B 92 -5.78 20.98 5.23
C LYS B 92 -4.61 21.05 4.25
N SER B 93 -4.22 19.89 3.71
CA SER B 93 -3.14 19.78 2.71
C SER B 93 -3.34 20.67 1.48
N PRO B 94 -2.39 21.58 1.21
CA PRO B 94 -2.51 22.47 0.02
C PRO B 94 -2.48 21.67 -1.28
N ASN B 95 -1.77 20.56 -1.26
CA ASN B 95 -1.80 19.62 -2.37
C ASN B 95 -3.22 19.08 -2.61
N ALA B 96 -3.89 18.66 -1.54
CA ALA B 96 -5.23 18.13 -1.63
C ALA B 96 -6.12 19.22 -2.20
N THR B 97 -5.91 20.45 -1.73
CA THR B 97 -6.76 21.59 -2.08
C THR B 97 -6.65 21.89 -3.54
N VAL B 98 -5.42 21.99 -4.02
CA VAL B 98 -5.15 22.31 -5.41
C VAL B 98 -5.75 21.21 -6.29
N ARG B 99 -5.45 19.95 -5.97
CA ARG B 99 -5.86 18.79 -6.77
C ARG B 99 -7.37 18.55 -6.77
N ALA B 100 -8.06 18.95 -5.68
CA ALA B 100 -9.57 18.98 -5.65
C ALA B 100 -10.15 19.91 -6.71
N MET B 101 -9.58 21.13 -6.76
CA MET B 101 -10.00 22.24 -7.66
C MET B 101 -9.71 22.07 -9.16
N LEU B 102 -8.62 21.38 -9.49
CA LEU B 102 -8.26 21.13 -10.88
C LEU B 102 -8.78 19.77 -11.40
N ASP B 103 -8.74 18.72 -10.56
CA ASP B 103 -8.98 17.29 -10.93
C ASP B 103 -7.79 16.72 -11.75
N GLY B 104 -7.87 15.44 -12.17
CA GLY B 104 -6.77 14.83 -12.92
C GLY B 104 -6.11 13.53 -12.47
N THR B 105 -4.98 13.25 -13.08
CA THR B 105 -4.14 12.11 -12.79
C THR B 105 -2.71 12.63 -12.61
N VAL B 106 -2.05 12.28 -11.53
CA VAL B 106 -0.68 12.74 -11.30
C VAL B 106 0.21 11.63 -11.82
N PHE B 107 0.97 11.91 -12.89
CA PHE B 107 1.86 10.90 -13.43
C PHE B 107 3.22 11.10 -12.81
N ARG B 108 3.78 10.01 -12.31
CA ARG B 108 4.99 10.07 -11.57
C ARG B 108 5.93 9.04 -12.12
N LYS B 109 7.08 9.51 -12.55
CA LYS B 109 8.07 8.64 -13.13
C LYS B 109 9.47 8.88 -12.52
N PRO B 110 10.22 7.80 -12.27
CA PRO B 110 11.60 7.95 -11.86
C PRO B 110 12.46 8.77 -12.87
N ILE B 111 13.31 9.65 -12.34
CA ILE B 111 14.31 10.35 -13.16
C ILE B 111 15.51 9.42 -13.12
N MET B 112 15.65 8.68 -14.21
CA MET B 112 16.60 7.60 -14.34
C MET B 112 17.99 8.06 -14.87
N VAL B 113 19.00 7.23 -14.63
CA VAL B 113 20.40 7.66 -14.62
C VAL B 113 21.19 6.35 -14.70
N LYS B 114 22.18 6.29 -15.58
CA LYS B 114 22.78 5.02 -16.02
C LYS B 114 23.66 4.32 -14.94
N ASN B 115 24.13 5.08 -13.96
CA ASN B 115 24.98 4.56 -12.86
C ASN B 115 24.27 4.21 -11.51
N ILE B 116 22.94 4.12 -11.52
CA ILE B 116 22.20 3.68 -10.34
C ILE B 116 21.39 2.42 -10.69
N LYS B 117 21.70 1.32 -10.01
CA LYS B 117 20.95 0.07 -10.10
C LYS B 117 19.71 0.19 -9.18
N PRO B 118 18.51 -0.10 -9.72
CA PRO B 118 17.35 -0.13 -8.83
C PRO B 118 17.42 -1.17 -7.68
N SER B 119 16.76 -0.82 -6.58
CA SER B 119 16.70 -1.69 -5.41
C SER B 119 16.08 -3.03 -5.70
N VAL B 120 15.17 -3.05 -6.66
CA VAL B 120 14.48 -4.28 -7.01
C VAL B 120 15.16 -4.88 -8.24
N ARG B 121 15.80 -6.04 -8.02
CA ARG B 121 16.69 -6.69 -9.02
C ARG B 121 16.15 -6.91 -10.40
N SER B 122 14.85 -7.01 -10.54
CA SER B 122 14.26 -7.44 -11.79
C SER B 122 13.80 -6.24 -12.60
N TRP B 123 13.77 -5.07 -11.97
CA TRP B 123 13.33 -3.82 -12.60
C TRP B 123 14.35 -3.33 -13.59
N GLN B 124 14.00 -3.39 -14.87
CA GLN B 124 14.91 -3.08 -15.97
C GLN B 124 14.36 -1.92 -16.78
N LYS B 125 13.08 -1.59 -16.57
CA LYS B 125 12.45 -0.51 -17.28
C LYS B 125 11.72 0.40 -16.30
N PRO B 126 11.54 1.69 -16.64
CA PRO B 126 10.90 2.57 -15.67
C PRO B 126 9.45 2.14 -15.41
N ILE B 127 8.94 2.50 -14.24
CA ILE B 127 7.58 2.25 -13.88
C ILE B 127 6.97 3.64 -13.66
N VAL B 128 5.89 3.94 -14.38
CA VAL B 128 5.16 5.18 -14.14
C VAL B 128 3.98 4.85 -13.19
N VAL B 129 3.76 5.70 -12.19
CA VAL B 129 2.57 5.66 -11.37
C VAL B 129 1.57 6.67 -11.91
N GLY B 130 0.36 6.21 -12.22
CA GLY B 130 -0.71 7.12 -12.66
C GLY B 130 -1.72 7.26 -11.51
N ARG B 131 -1.55 8.31 -10.71
CA ARG B 131 -2.24 8.50 -9.47
C ARG B 131 -3.40 9.41 -9.68
N HIS B 132 -4.61 8.86 -9.56
CA HIS B 132 -5.84 9.66 -9.42
C HIS B 132 -5.70 10.77 -8.39
N ALA B 133 -5.87 12.04 -8.79
CA ALA B 133 -5.67 13.20 -7.93
C ALA B 133 -6.88 13.61 -7.09
N TYR B 134 -8.04 13.04 -7.40
CA TYR B 134 -9.33 13.47 -6.82
C TYR B 134 -9.97 12.47 -5.82
N GLY B 135 -10.46 13.01 -4.70
CA GLY B 135 -11.44 12.34 -3.85
C GLY B 135 -10.80 11.37 -2.89
N ASP B 136 -11.49 10.24 -2.68
CA ASP B 136 -11.13 9.27 -1.65
C ASP B 136 -10.75 10.01 -0.36
N PHE B 137 -9.81 9.53 0.44
CA PHE B 137 -9.68 10.11 1.79
C PHE B 137 -8.98 11.48 1.88
N TYR B 138 -8.52 12.01 0.74
CA TYR B 138 -8.04 13.40 0.66
C TYR B 138 -9.11 14.48 0.83
N LYS B 139 -10.37 14.07 0.70
CA LYS B 139 -11.54 14.87 1.07
C LYS B 139 -12.45 14.07 2.05
N ASN B 140 -12.00 13.87 3.29
CA ASN B 140 -12.67 12.97 4.25
C ASN B 140 -13.57 13.70 5.22
N ALA B 141 -14.58 13.02 5.72
CA ALA B 141 -15.23 13.43 6.97
C ALA B 141 -14.87 12.38 8.05
N GLU B 142 -14.74 12.84 9.28
CA GLU B 142 -14.28 12.02 10.39
C GLU B 142 -14.91 12.47 11.70
N ILE B 143 -15.31 11.50 12.52
CA ILE B 143 -15.84 11.74 13.87
C ILE B 143 -15.22 10.74 14.83
N PHE B 144 -14.84 11.23 16.01
CA PHE B 144 -14.42 10.42 17.14
C PHE B 144 -15.66 10.27 17.99
N ALA B 145 -16.26 9.07 17.91
CA ALA B 145 -17.51 8.73 18.55
C ALA B 145 -17.22 8.20 19.96
N GLU B 146 -16.85 9.13 20.83
CA GLU B 146 -16.53 8.92 22.24
C GLU B 146 -17.60 8.16 23.07
N ALA B 147 -18.87 8.24 22.67
CA ALA B 147 -19.92 7.46 23.28
C ALA B 147 -20.42 6.31 22.38
N GLY B 148 -19.59 5.85 21.43
CA GLY B 148 -20.09 4.91 20.41
C GLY B 148 -21.39 5.29 19.73
N GLY B 149 -22.20 4.27 19.45
CA GLY B 149 -23.50 4.44 18.83
C GLY B 149 -23.65 3.78 17.47
N LYS B 150 -24.66 4.22 16.73
CA LYS B 150 -24.89 3.75 15.37
C LYS B 150 -24.04 4.58 14.44
N LEU B 151 -23.14 3.96 13.67
CA LEU B 151 -22.27 4.67 12.74
C LEU B 151 -22.76 4.50 11.30
N GLU B 152 -23.06 5.60 10.62
CA GLU B 152 -23.72 5.48 9.32
C GLU B 152 -23.14 6.39 8.30
N ILE B 153 -23.34 6.05 7.02
CA ILE B 153 -23.24 7.02 5.93
C ILE B 153 -24.63 7.40 5.46
N VAL B 154 -24.80 8.67 5.08
CA VAL B 154 -26.11 9.14 4.65
C VAL B 154 -26.00 10.00 3.40
N VAL B 155 -26.83 9.69 2.41
CA VAL B 155 -26.91 10.49 1.22
C VAL B 155 -28.32 11.07 1.09
N THR B 156 -28.38 12.40 0.99
CA THR B 156 -29.59 13.15 0.60
C THR B 156 -29.39 13.81 -0.78
N ASP B 157 -30.11 13.33 -1.78
CA ASP B 157 -30.08 13.92 -3.11
C ASP B 157 -30.96 15.22 -3.16
N LYS B 158 -30.73 16.04 -4.20
CA LYS B 158 -31.46 17.32 -4.37
C LYS B 158 -32.99 17.19 -4.31
N ASN B 159 -33.53 15.99 -4.46
CA ASN B 159 -34.99 15.86 -4.40
C ASN B 159 -35.49 15.39 -3.04
N GLY B 160 -34.61 15.44 -2.03
CA GLY B 160 -34.85 14.95 -0.66
C GLY B 160 -34.86 13.43 -0.47
N LYS B 161 -34.35 12.63 -1.41
CA LYS B 161 -34.24 11.19 -1.13
C LYS B 161 -33.00 10.92 -0.29
N GLU B 162 -33.25 10.34 0.90
CA GLU B 162 -32.23 9.96 1.85
C GLU B 162 -31.97 8.47 1.73
N THR B 163 -30.68 8.10 1.64
CA THR B 163 -30.28 6.69 1.63
C THR B 163 -29.30 6.52 2.79
N ARG B 164 -29.52 5.50 3.62
CA ARG B 164 -28.64 5.28 4.77
C ARG B 164 -28.00 3.92 4.64
N GLN B 165 -26.75 3.82 5.09
CA GLN B 165 -26.11 2.51 5.29
C GLN B 165 -25.31 2.53 6.57
N THR B 166 -25.37 1.40 7.29
CA THR B 166 -24.79 1.27 8.62
C THR B 166 -23.37 0.71 8.48
N ILE B 167 -22.40 1.41 9.04
CA ILE B 167 -21.06 0.88 9.09
C ILE B 167 -20.95 -0.21 10.20
N MET B 168 -21.49 0.10 11.39
CA MET B 168 -21.43 -0.73 12.61
C MET B 168 -22.17 0.00 13.71
N GLU B 169 -22.75 -0.76 14.61
CA GLU B 169 -23.21 -0.23 15.89
C GLU B 169 -22.31 -0.72 16.98
N VAL B 170 -21.83 0.20 17.81
CA VAL B 170 -20.81 -0.13 18.79
C VAL B 170 -21.26 0.45 20.13
N ASP B 171 -20.81 -0.19 21.21
CA ASP B 171 -21.18 0.11 22.60
C ASP B 171 -19.91 0.60 23.28
N GLU B 172 -19.07 1.34 22.56
CA GLU B 172 -17.76 1.71 23.07
C GLU B 172 -17.18 2.77 22.16
N PRO B 173 -16.19 3.53 22.65
CA PRO B 173 -15.60 4.58 21.80
C PRO B 173 -15.03 4.09 20.43
N ALA B 174 -15.27 4.85 19.36
CA ALA B 174 -14.92 4.41 18.01
C ALA B 174 -14.53 5.62 17.16
N ILE B 175 -13.75 5.39 16.10
CA ILE B 175 -13.48 6.41 15.10
C ILE B 175 -14.23 6.12 13.81
N VAL B 176 -14.65 7.17 13.10
CA VAL B 176 -15.55 6.98 11.96
C VAL B 176 -15.01 7.78 10.80
N GLN B 177 -14.97 7.22 9.58
CA GLN B 177 -14.48 7.95 8.38
C GLN B 177 -15.43 7.75 7.18
N GLY B 178 -15.77 8.84 6.46
CA GLY B 178 -16.47 8.77 5.20
C GLY B 178 -15.63 9.43 4.10
N ILE B 179 -15.72 8.92 2.87
CA ILE B 179 -15.01 9.40 1.69
C ILE B 179 -15.94 9.25 0.45
N HIS B 180 -15.62 9.88 -0.67
CA HIS B 180 -16.44 9.81 -1.88
C HIS B 180 -15.53 9.87 -3.12
N ASN B 181 -16.07 9.49 -4.28
CA ASN B 181 -15.52 9.90 -5.56
C ASN B 181 -16.70 10.14 -6.50
N THR B 182 -16.48 10.76 -7.65
CA THR B 182 -17.55 10.92 -8.62
C THR B 182 -17.28 9.95 -9.80
N VAL B 183 -18.31 9.44 -10.44
CA VAL B 183 -18.17 8.59 -11.67
C VAL B 183 -17.35 9.30 -12.81
N ALA B 184 -17.63 10.59 -13.03
CA ALA B 184 -16.93 11.44 -13.99
C ALA B 184 -15.41 11.49 -13.77
N SER B 185 -14.95 11.83 -12.57
CA SER B 185 -13.53 11.88 -12.23
C SER B 185 -12.82 10.50 -12.43
N ILE B 186 -13.51 9.41 -12.12
CA ILE B 186 -12.97 8.05 -12.34
C ILE B 186 -12.82 7.70 -13.82
N GLY B 187 -13.86 8.06 -14.59
CA GLY B 187 -13.84 8.03 -16.03
C GLY B 187 -12.67 8.78 -16.66
N HIS B 188 -12.48 10.05 -16.27
CA HIS B 188 -11.34 10.87 -16.70
C HIS B 188 -9.99 10.23 -16.35
N PHE B 189 -9.90 9.67 -15.15
CA PHE B 189 -8.73 9.01 -14.68
C PHE B 189 -8.44 7.76 -15.52
N ALA B 190 -9.48 7.00 -15.87
CA ALA B 190 -9.34 5.82 -16.73
C ALA B 190 -8.79 6.22 -18.08
N ARG B 191 -9.41 7.23 -18.68
CA ARG B 191 -9.07 7.69 -20.04
C ARG B 191 -7.65 8.29 -20.07
N ALA B 192 -7.37 9.22 -19.13
CA ALA B 192 -5.98 9.70 -18.82
C ALA B 192 -4.92 8.58 -18.84
N CYS B 193 -5.23 7.42 -18.28
CA CYS B 193 -4.26 6.34 -18.12
C CYS B 193 -4.12 5.52 -19.39
N PHE B 194 -5.25 5.26 -20.04
CA PHE B 194 -5.27 4.54 -21.32
C PHE B 194 -4.63 5.32 -22.49
N GLU B 195 -4.70 6.65 -22.40
CA GLU B 195 -4.04 7.57 -23.32
C GLU B 195 -2.52 7.58 -23.08
N TYR B 196 -2.09 7.89 -21.84
CA TYR B 196 -0.68 7.80 -21.46
C TYR B 196 -0.10 6.49 -21.99
N SER B 197 -0.84 5.40 -21.91
CA SER B 197 -0.30 4.10 -22.28
C SER B 197 -0.15 3.89 -23.80
N LEU B 198 -1.08 4.42 -24.61
CA LEU B 198 -0.94 4.43 -26.08
C LEU B 198 0.12 5.48 -26.51
N ASP B 199 0.09 6.65 -25.90
CA ASP B 199 1.03 7.72 -26.21
C ASP B 199 2.50 7.44 -25.78
N GLN B 200 2.70 6.48 -24.89
CA GLN B 200 4.04 5.98 -24.50
C GLN B 200 4.20 4.50 -24.92
N LYS B 201 3.15 3.93 -25.50
CA LYS B 201 3.11 2.51 -25.90
C LYS B 201 3.65 1.68 -24.74
N ILE B 202 3.06 1.88 -23.55
CA ILE B 202 3.30 1.02 -22.39
C ILE B 202 1.98 0.37 -21.96
N ASP B 203 2.10 -0.86 -21.47
CA ASP B 203 0.97 -1.57 -20.88
C ASP B 203 0.37 -0.79 -19.71
N CYS B 204 -0.90 -1.08 -19.42
CA CYS B 204 -1.60 -0.48 -18.26
C CYS B 204 -1.98 -1.59 -17.24
N TRP B 205 -1.62 -1.33 -15.98
CA TRP B 205 -2.00 -2.18 -14.87
C TRP B 205 -2.85 -1.31 -13.94
N PHE B 206 -3.99 -1.84 -13.49
CA PHE B 206 -4.84 -1.19 -12.48
C PHE B 206 -5.27 -2.17 -11.40
N ALA B 207 -5.50 -1.72 -10.17
CA ALA B 207 -5.79 -2.60 -9.07
C ALA B 207 -6.55 -1.89 -7.97
N THR B 208 -7.61 -2.53 -7.45
CA THR B 208 -8.33 -2.08 -6.27
C THR B 208 -8.60 -3.32 -5.42
N LYS B 209 -9.34 -3.18 -4.33
CA LYS B 209 -9.76 -4.34 -3.53
C LYS B 209 -11.28 -4.53 -3.63
N ASP B 210 -11.75 -4.85 -4.84
CA ASP B 210 -13.15 -4.76 -5.20
C ASP B 210 -13.98 -5.89 -4.61
N THR B 211 -13.28 -6.92 -4.10
CA THR B 211 -13.91 -8.04 -3.43
C THR B 211 -14.37 -7.68 -1.99
N ILE B 212 -13.68 -6.71 -1.39
CA ILE B 212 -13.98 -6.19 -0.06
C ILE B 212 -14.91 -4.99 -0.16
N SER B 213 -14.64 -4.14 -1.14
CA SER B 213 -15.34 -2.88 -1.28
C SER B 213 -16.11 -3.03 -2.57
N LYS B 214 -17.30 -3.63 -2.44
CA LYS B 214 -18.12 -4.14 -3.51
C LYS B 214 -18.86 -3.03 -4.23
N GLN B 215 -19.00 -1.86 -3.63
CA GLN B 215 -19.65 -0.73 -4.35
C GLN B 215 -18.68 0.41 -4.71
N TYR B 216 -17.60 0.56 -3.97
CA TYR B 216 -16.73 1.70 -4.16
C TYR B 216 -15.62 1.29 -5.14
N ASP B 217 -14.67 0.48 -4.66
CA ASP B 217 -13.59 -0.03 -5.47
C ASP B 217 -14.14 -0.76 -6.70
N GLN B 218 -15.21 -1.52 -6.50
CA GLN B 218 -15.77 -2.27 -7.62
C GLN B 218 -16.31 -1.35 -8.74
N ARG B 219 -16.85 -0.20 -8.37
CA ARG B 219 -17.18 0.85 -9.37
C ARG B 219 -15.99 1.33 -10.24
N PHE B 220 -14.88 1.74 -9.63
CA PHE B 220 -13.58 1.87 -10.36
C PHE B 220 -13.29 0.71 -11.30
N LYS B 221 -13.29 -0.54 -10.77
CA LYS B 221 -13.02 -1.74 -11.58
C LYS B 221 -13.98 -1.85 -12.78
N ILE B 222 -15.26 -1.69 -12.49
CA ILE B 222 -16.31 -1.72 -13.51
C ILE B 222 -16.09 -0.61 -14.55
N ILE B 223 -15.89 0.62 -14.08
CA ILE B 223 -15.64 1.72 -15.02
C ILE B 223 -14.37 1.51 -15.92
N PHE B 224 -13.25 1.05 -15.36
CA PHE B 224 -12.10 0.74 -16.20
C PHE B 224 -12.41 -0.27 -17.31
N GLU B 225 -13.01 -1.41 -16.96
CA GLU B 225 -13.27 -2.46 -17.91
C GLU B 225 -14.33 -2.07 -18.96
N GLU B 226 -15.24 -1.14 -18.61
CA GLU B 226 -16.25 -0.64 -19.55
C GLU B 226 -15.66 0.28 -20.57
N ILE B 227 -15.03 1.33 -20.09
CA ILE B 227 -14.37 2.30 -20.95
C ILE B 227 -13.31 1.67 -21.88
N PHE B 228 -12.65 0.59 -21.41
CA PHE B 228 -11.64 -0.10 -22.20
C PHE B 228 -12.25 -1.04 -23.26
N ALA B 229 -13.30 -1.79 -22.90
CA ALA B 229 -14.09 -2.57 -23.84
C ALA B 229 -14.63 -1.69 -24.97
N GLN B 230 -15.17 -0.52 -24.62
CA GLN B 230 -15.87 0.40 -25.53
C GLN B 230 -15.03 1.49 -26.24
N GLU B 231 -13.77 1.70 -25.85
CA GLU B 231 -13.04 2.83 -26.42
C GLU B 231 -11.55 2.59 -26.68
N TYR B 232 -11.00 1.45 -26.22
CA TYR B 232 -9.54 1.22 -26.27
C TYR B 232 -9.09 -0.23 -26.53
N LYS B 233 -9.99 -1.21 -26.39
CA LYS B 233 -9.67 -2.62 -26.65
C LYS B 233 -8.84 -2.76 -27.95
N GLU B 234 -9.37 -2.17 -29.02
CA GLU B 234 -8.83 -2.31 -30.36
C GLU B 234 -7.63 -1.39 -30.62
N LYS B 235 -7.63 -0.18 -30.04
CA LYS B 235 -6.45 0.69 -30.09
C LYS B 235 -5.25 0.11 -29.34
N PHE B 236 -5.49 -0.91 -28.54
CA PHE B 236 -4.49 -1.45 -27.65
C PHE B 236 -3.90 -2.67 -28.31
N ALA B 237 -4.75 -3.55 -28.86
CA ALA B 237 -4.26 -4.66 -29.66
C ALA B 237 -3.42 -4.11 -30.86
N ALA B 238 -3.93 -3.10 -31.55
CA ALA B 238 -3.20 -2.39 -32.61
C ALA B 238 -1.86 -1.75 -32.17
N ALA B 239 -1.75 -1.30 -30.91
CA ALA B 239 -0.47 -0.72 -30.50
C ALA B 239 0.45 -1.75 -29.88
N GLY B 240 0.02 -3.01 -29.89
CA GLY B 240 0.73 -4.11 -29.20
C GLY B 240 0.74 -4.11 -27.65
N ILE B 241 -0.25 -3.45 -27.04
CA ILE B 241 -0.29 -3.34 -25.55
C ILE B 241 -1.53 -3.95 -24.87
N GLU B 242 -1.41 -4.22 -23.55
CA GLU B 242 -2.48 -4.78 -22.75
C GLU B 242 -2.90 -3.89 -21.59
N TYR B 243 -4.19 -3.98 -21.24
CA TYR B 243 -4.70 -3.49 -19.98
C TYR B 243 -4.78 -4.69 -19.06
N PHE B 244 -4.09 -4.65 -17.93
CA PHE B 244 -4.21 -5.70 -16.89
C PHE B 244 -4.85 -5.20 -15.54
N TYR B 245 -5.86 -5.93 -15.06
CA TYR B 245 -6.58 -5.65 -13.82
C TYR B 245 -6.37 -6.83 -12.90
N THR B 246 -6.05 -6.53 -11.62
CA THR B 246 -6.05 -7.54 -10.59
C THR B 246 -6.38 -6.91 -9.23
N LEU B 247 -6.18 -7.67 -8.14
CA LEU B 247 -6.35 -7.13 -6.77
C LEU B 247 -5.09 -6.41 -6.29
N ILE B 248 -5.29 -5.26 -5.64
CA ILE B 248 -4.20 -4.49 -5.09
C ILE B 248 -3.08 -5.28 -4.39
N ASP B 249 -3.40 -6.25 -3.54
CA ASP B 249 -2.33 -7.01 -2.86
C ASP B 249 -1.54 -7.89 -3.87
N ASP B 250 -2.27 -8.48 -4.80
CA ASP B 250 -1.73 -9.23 -5.91
C ASP B 250 -0.82 -8.40 -6.87
N VAL B 251 -1.26 -7.24 -7.30
CA VAL B 251 -0.45 -6.41 -8.16
C VAL B 251 0.91 -6.05 -7.55
N VAL B 252 0.95 -5.76 -6.25
CA VAL B 252 2.22 -5.33 -5.62
C VAL B 252 3.16 -6.54 -5.42
N ALA B 253 2.59 -7.73 -5.27
CA ALA B 253 3.34 -9.00 -5.27
C ALA B 253 4.02 -9.22 -6.62
N ARG B 254 3.25 -9.02 -7.67
CA ARG B 254 3.76 -9.02 -9.03
C ARG B 254 4.80 -7.92 -9.33
N MET B 255 4.62 -6.74 -8.77
CA MET B 255 5.53 -5.62 -9.03
C MET B 255 6.99 -5.91 -8.62
N MET B 256 7.16 -6.75 -7.60
CA MET B 256 8.47 -7.11 -7.08
C MET B 256 9.26 -8.14 -7.96
N LYS B 257 8.57 -8.85 -8.86
CA LYS B 257 9.15 -9.81 -9.82
C LYS B 257 9.18 -9.33 -11.27
N THR B 258 8.47 -8.26 -11.59
CA THR B 258 8.41 -7.65 -12.92
C THR B 258 9.73 -6.94 -13.34
N GLU B 259 9.85 -6.74 -14.66
CA GLU B 259 10.91 -6.00 -15.32
C GLU B 259 10.57 -4.54 -15.44
N GLY B 260 9.33 -4.17 -15.13
CA GLY B 260 8.91 -2.77 -15.19
C GLY B 260 8.39 -2.40 -16.57
N GLY B 261 8.34 -1.09 -16.83
CA GLY B 261 7.95 -0.60 -18.16
C GLY B 261 6.46 -0.68 -18.41
N MET B 262 5.66 -0.47 -17.36
CA MET B 262 4.20 -0.32 -17.54
C MET B 262 3.74 0.94 -16.90
N LEU B 263 2.50 1.30 -17.20
CA LEU B 263 1.82 2.37 -16.48
C LEU B 263 1.05 1.70 -15.32
N TRP B 264 1.45 2.03 -14.09
CA TRP B 264 0.74 1.52 -12.92
C TRP B 264 -0.33 2.50 -12.57
N ALA B 265 -1.56 2.26 -12.99
CA ALA B 265 -2.73 3.09 -12.59
C ALA B 265 -3.10 2.83 -11.11
N CYS B 266 -3.30 3.92 -10.34
CA CYS B 266 -3.44 3.94 -8.90
C CYS B 266 -4.55 4.83 -8.36
N LYS B 267 -5.36 4.29 -7.44
CA LYS B 267 -6.29 5.15 -6.71
C LYS B 267 -5.44 6.16 -5.94
N ASN B 268 -6.07 7.23 -5.48
CA ASN B 268 -5.40 8.37 -4.88
C ASN B 268 -4.42 7.98 -3.73
N TYR B 269 -4.91 7.26 -2.71
CA TYR B 269 -4.06 6.79 -1.62
C TYR B 269 -2.97 5.76 -2.02
N ASP B 270 -3.31 4.79 -2.87
CA ASP B 270 -2.28 3.84 -3.36
C ASP B 270 -1.20 4.57 -4.16
N GLY B 271 -1.60 5.53 -4.98
CA GLY B 271 -0.66 6.29 -5.79
C GLY B 271 0.34 7.04 -4.95
N ASP B 272 -0.11 7.55 -3.81
CA ASP B 272 0.77 8.24 -2.84
C ASP B 272 1.82 7.27 -2.25
N VAL B 273 1.36 6.11 -1.81
CA VAL B 273 2.22 5.13 -1.22
C VAL B 273 3.13 4.53 -2.32
N MET B 274 2.57 4.12 -3.44
CA MET B 274 3.35 3.41 -4.45
C MET B 274 4.38 4.22 -5.26
N SER B 275 4.11 5.51 -5.47
CA SER B 275 5.09 6.40 -6.10
C SER B 275 6.33 6.61 -5.25
N ASP B 276 6.16 6.71 -3.91
CA ASP B 276 7.30 6.71 -2.96
C ASP B 276 8.06 5.38 -2.96
N MET B 277 7.34 4.25 -2.92
CA MET B 277 7.98 2.97 -3.11
C MET B 277 8.80 2.96 -4.43
N VAL B 278 8.15 3.33 -5.53
CA VAL B 278 8.81 3.27 -6.87
C VAL B 278 10.06 4.22 -6.99
N ALA B 279 9.87 5.50 -6.61
CA ALA B 279 10.94 6.47 -6.53
C ALA B 279 12.12 5.89 -5.74
N SER B 280 11.84 5.35 -4.57
CA SER B 280 12.89 4.95 -3.68
C SER B 280 13.58 3.68 -4.15
N ALA B 281 12.81 2.73 -4.70
CA ALA B 281 13.41 1.53 -5.25
C ALA B 281 14.23 1.86 -6.49
N PHE B 282 13.85 2.84 -7.28
CA PHE B 282 14.66 3.15 -8.47
C PHE B 282 16.01 3.86 -8.20
N GLY B 283 16.15 4.46 -7.03
CA GLY B 283 17.26 5.37 -6.81
C GLY B 283 16.95 6.13 -5.56
N SER B 284 16.22 7.23 -5.67
CA SER B 284 15.79 7.97 -4.49
C SER B 284 14.52 8.79 -4.74
N LEU B 285 13.89 9.25 -3.66
CA LEU B 285 12.63 9.99 -3.71
C LEU B 285 12.75 11.25 -4.53
N ALA B 286 13.94 11.84 -4.50
CA ALA B 286 14.23 13.07 -5.23
C ALA B 286 14.30 12.79 -6.71
N MET B 287 14.76 11.60 -7.06
CA MET B 287 14.80 11.21 -8.46
C MET B 287 13.40 10.85 -9.01
N MET B 288 12.49 11.83 -9.03
CA MET B 288 11.14 11.58 -9.58
C MET B 288 10.48 12.83 -10.16
N SER B 289 10.00 12.70 -11.40
CA SER B 289 9.04 13.67 -11.98
C SER B 289 7.57 13.44 -11.53
N SER B 290 6.79 14.52 -11.47
CA SER B 290 5.42 14.50 -11.03
C SER B 290 4.59 15.63 -11.66
N VAL B 291 3.68 15.25 -12.55
CA VAL B 291 2.80 16.24 -13.21
C VAL B 291 1.31 15.92 -13.03
N LEU B 292 0.58 16.86 -12.42
CA LEU B 292 -0.88 16.87 -12.45
C LEU B 292 -1.37 17.32 -13.83
N VAL B 293 -1.97 16.37 -14.54
CA VAL B 293 -2.67 16.60 -15.80
C VAL B 293 -4.19 16.56 -15.55
N SER B 294 -4.80 17.75 -15.45
CA SER B 294 -6.25 17.90 -15.37
C SER B 294 -7.00 17.45 -16.65
N PRO B 295 -8.27 16.97 -16.51
CA PRO B 295 -9.06 16.71 -17.75
C PRO B 295 -9.68 17.98 -18.35
N TYR B 296 -9.33 19.15 -17.79
CA TYR B 296 -9.94 20.44 -18.16
C TYR B 296 -9.34 21.39 -19.26
N GLY B 297 -8.03 21.43 -19.55
CA GLY B 297 -6.98 20.69 -18.90
C GLY B 297 -5.85 21.62 -18.49
N TYR B 298 -5.64 21.75 -17.18
CA TYR B 298 -4.54 22.51 -16.61
C TYR B 298 -3.35 21.58 -16.32
N PHE B 299 -2.24 22.16 -15.87
CA PHE B 299 -1.04 21.40 -15.49
C PHE B 299 -0.48 21.90 -14.18
N GLU B 300 0.01 20.98 -13.37
CA GLU B 300 0.74 21.33 -12.17
C GLU B 300 1.91 20.35 -12.10
N TYR B 301 3.12 20.90 -12.19
CA TYR B 301 4.38 20.20 -12.23
C TYR B 301 4.89 20.42 -10.79
N GLU B 302 5.25 19.35 -10.09
CA GLU B 302 5.59 19.46 -8.64
C GLU B 302 6.80 18.58 -8.25
N ALA B 303 7.24 18.71 -7.00
CA ALA B 303 8.24 17.82 -6.41
C ALA B 303 7.77 16.35 -6.37
N ALA B 304 6.82 16.07 -5.47
CA ALA B 304 6.37 14.69 -5.12
C ALA B 304 6.86 14.28 -3.75
N HIS B 305 8.11 14.61 -3.44
CA HIS B 305 8.67 14.30 -2.12
C HIS B 305 8.31 15.42 -1.13
N GLY B 306 8.80 15.28 0.10
CA GLY B 306 8.48 16.23 1.16
C GLY B 306 9.41 17.44 1.23
N THR B 307 9.08 18.35 2.13
CA THR B 307 10.04 19.35 2.59
C THR B 307 10.96 18.49 3.41
N VAL B 308 12.26 18.71 3.29
CA VAL B 308 13.13 17.79 4.02
C VAL B 308 13.36 18.25 5.49
N GLN B 309 12.35 17.96 6.34
CA GLN B 309 12.49 18.10 7.79
C GLN B 309 13.66 17.23 8.23
N ARG B 310 14.17 17.43 9.45
CA ARG B 310 15.41 16.75 9.92
C ARG B 310 16.65 17.31 9.20
N HIS B 311 16.48 17.73 7.96
CA HIS B 311 17.58 18.21 7.12
C HIS B 311 17.55 19.73 7.21
N TYR B 312 16.37 20.24 7.55
CA TYR B 312 16.12 21.67 7.75
C TYR B 312 16.85 22.21 8.98
N TYR B 313 16.52 21.65 10.15
CA TYR B 313 17.43 21.69 11.29
C TYR B 313 18.59 20.73 11.04
N GLN B 314 19.80 21.27 11.02
CA GLN B 314 21.00 20.67 10.40
C GLN B 314 21.48 21.67 9.34
N HIS B 315 20.51 22.41 8.79
CA HIS B 315 20.80 23.65 8.11
C HIS B 315 20.74 24.77 9.16
N LEU B 316 19.88 24.58 10.16
CA LEU B 316 19.86 25.48 11.31
C LEU B 316 21.11 25.30 12.21
N LYS B 317 22.21 24.94 11.55
CA LYS B 317 23.61 24.92 12.08
C LYS B 317 24.60 24.50 10.97
N GLY B 318 25.46 25.45 10.58
CA GLY B 318 26.68 25.16 9.83
C GLY B 318 26.58 24.65 8.40
N GLU B 319 25.36 24.59 7.88
CA GLU B 319 25.06 24.22 6.46
C GLU B 319 25.60 22.85 6.04
N ARG B 320 25.17 21.79 6.71
CA ARG B 320 25.41 20.41 6.27
C ARG B 320 24.41 20.06 5.16
N THR B 321 24.58 20.64 3.96
CA THR B 321 23.56 20.45 2.90
C THR B 321 23.94 19.57 1.68
N SER B 322 23.78 18.25 1.84
CA SER B 322 23.72 17.35 0.68
C SER B 322 22.26 16.90 0.41
N THR B 323 21.45 17.85 -0.08
CA THR B 323 20.05 17.62 -0.45
C THR B 323 19.97 17.54 -1.98
N ASN B 324 19.26 16.53 -2.49
CA ASN B 324 19.14 16.33 -3.94
C ASN B 324 18.04 17.23 -4.54
N PRO B 325 18.42 18.26 -5.33
CA PRO B 325 17.43 19.17 -5.89
C PRO B 325 16.82 18.71 -7.22
N VAL B 326 17.24 17.56 -7.75
CA VAL B 326 16.93 17.18 -9.14
C VAL B 326 15.44 17.24 -9.47
N ALA B 327 14.61 17.03 -8.43
CA ALA B 327 13.16 16.96 -8.56
C ALA B 327 12.54 18.35 -8.62
N LEU B 328 13.02 19.26 -7.77
CA LEU B 328 12.64 20.69 -7.86
C LEU B 328 12.96 21.27 -9.24
N ILE B 329 14.10 20.83 -9.78
CA ILE B 329 14.60 21.25 -11.09
C ILE B 329 13.75 20.75 -12.24
N TYR B 330 13.45 19.45 -12.26
CA TYR B 330 12.64 18.83 -13.32
C TYR B 330 11.15 19.23 -13.31
N ALA B 331 10.74 19.94 -12.26
CA ALA B 331 9.40 20.54 -12.12
C ALA B 331 9.30 21.80 -12.99
N TRP B 332 10.33 22.66 -12.88
CA TRP B 332 10.65 23.71 -13.86
C TRP B 332 10.87 23.21 -15.31
N THR B 333 11.81 22.31 -15.54
CA THR B 333 12.03 21.83 -16.92
C THR B 333 10.84 21.11 -17.59
N GLY B 334 10.01 20.41 -16.79
CA GLY B 334 8.71 19.92 -17.26
C GLY B 334 7.69 21.05 -17.48
N ALA B 335 7.65 22.01 -16.53
CA ALA B 335 6.69 23.11 -16.54
C ALA B 335 6.92 24.15 -17.64
N LEU B 336 8.19 24.44 -17.97
CA LEU B 336 8.49 25.39 -19.05
C LEU B 336 8.40 24.67 -20.38
N ARG B 337 8.84 23.43 -20.38
CA ARG B 337 8.69 22.52 -21.52
C ARG B 337 7.24 22.43 -21.98
N LYS B 338 6.33 22.90 -21.12
CA LYS B 338 4.87 22.97 -21.37
C LYS B 338 4.37 24.43 -21.34
N ARG B 339 4.84 25.23 -20.38
CA ARG B 339 4.57 26.70 -20.39
C ARG B 339 4.93 27.36 -21.74
N GLY B 340 6.04 26.93 -22.34
CA GLY B 340 6.41 27.28 -23.71
C GLY B 340 5.92 26.34 -24.81
N GLU B 341 5.33 25.20 -24.47
CA GLU B 341 4.74 24.28 -25.48
C GLU B 341 3.38 24.79 -25.95
N LEU B 342 2.76 25.59 -25.07
CA LEU B 342 1.45 26.19 -25.28
C LEU B 342 1.60 27.65 -25.72
N ASP B 343 2.64 28.32 -25.20
CA ASP B 343 3.00 29.65 -25.66
C ASP B 343 3.65 29.66 -27.08
N GLY B 344 3.43 28.57 -27.83
CA GLY B 344 3.86 28.43 -29.24
C GLY B 344 5.35 28.19 -29.44
N THR B 345 6.15 28.95 -28.69
CA THR B 345 7.63 29.07 -28.83
C THR B 345 8.51 27.79 -28.69
N PRO B 346 9.03 27.25 -29.82
CA PRO B 346 9.96 26.10 -29.73
C PRO B 346 11.34 26.48 -29.15
N ASP B 347 11.47 27.72 -28.69
CA ASP B 347 12.71 28.23 -28.10
C ASP B 347 12.74 28.05 -26.58
N LEU B 348 11.99 27.05 -26.11
CA LEU B 348 11.96 26.71 -24.69
C LEU B 348 11.94 25.19 -24.47
N CYS B 349 11.38 24.45 -25.43
CA CYS B 349 11.50 22.97 -25.50
C CYS B 349 12.93 22.50 -25.77
N ALA B 350 13.68 23.25 -26.58
CA ALA B 350 15.06 22.90 -26.91
C ALA B 350 16.07 23.33 -25.83
N PHE B 351 15.69 24.32 -25.00
CA PHE B 351 16.47 24.66 -23.79
C PHE B 351 16.23 23.68 -22.67
N CYS B 352 14.95 23.44 -22.36
CA CYS B 352 14.54 22.50 -21.31
C CYS B 352 15.13 21.12 -21.58
N ASP B 353 14.89 20.58 -22.78
CA ASP B 353 15.59 19.39 -23.27
C ASP B 353 17.05 19.29 -22.80
N SER B 354 17.60 20.45 -22.40
CA SER B 354 19.03 20.60 -22.06
C SER B 354 19.31 20.69 -20.58
N LEU B 355 18.65 21.62 -19.88
CA LEU B 355 18.91 21.82 -18.44
C LEU B 355 18.76 20.52 -17.69
N GLU B 356 17.90 19.65 -18.20
CA GLU B 356 17.74 18.34 -17.65
C GLU B 356 18.83 17.41 -18.15
N ALA B 357 18.97 17.25 -19.48
CA ALA B 357 19.98 16.33 -20.07
C ALA B 357 21.37 16.51 -19.50
N ILE B 358 21.64 17.74 -19.08
CA ILE B 358 22.89 18.16 -18.45
C ILE B 358 22.98 17.64 -17.01
N THR B 359 21.90 17.83 -16.23
CA THR B 359 21.73 17.30 -14.87
C THR B 359 22.07 15.80 -14.84
N ILE B 360 21.54 15.07 -15.81
CA ILE B 360 21.80 13.66 -16.01
C ILE B 360 23.29 13.38 -16.29
N GLU B 361 23.80 13.84 -17.46
CA GLU B 361 25.24 13.75 -17.81
C GLU B 361 26.16 14.05 -16.62
N CYS B 362 25.77 15.03 -15.82
CA CYS B 362 26.51 15.35 -14.62
C CYS B 362 26.58 14.15 -13.68
N ILE B 363 25.42 13.73 -13.13
CA ILE B 363 25.30 12.52 -12.30
C ILE B 363 25.96 11.28 -12.95
N GLU B 364 25.73 11.09 -14.25
CA GLU B 364 26.30 9.96 -14.98
C GLU B 364 27.84 9.98 -15.03
N SER B 365 28.44 11.15 -14.82
CA SER B 365 29.89 11.32 -14.88
C SER B 365 30.51 11.30 -13.46
N GLY B 366 29.66 11.25 -12.44
CA GLY B 366 30.12 10.89 -11.10
C GLY B 366 30.18 12.03 -10.13
N TYR B 367 29.49 13.12 -10.46
CA TYR B 367 29.32 14.27 -9.55
C TYR B 367 27.84 14.48 -9.16
N MET B 368 27.55 14.28 -7.88
CA MET B 368 26.20 14.01 -7.41
C MET B 368 26.13 14.15 -5.90
N THR B 369 24.90 14.22 -5.40
CA THR B 369 24.58 14.40 -3.99
C THR B 369 24.65 13.10 -3.17
N GLY B 370 24.72 13.22 -1.86
CA GLY B 370 24.92 12.07 -0.97
C GLY B 370 24.07 10.83 -1.22
N ASP B 371 22.75 11.01 -1.22
CA ASP B 371 21.77 9.95 -1.51
C ASP B 371 22.12 9.13 -2.75
N LEU B 372 22.59 9.82 -3.80
CA LEU B 372 23.00 9.16 -5.04
C LEU B 372 24.36 8.45 -4.91
N ALA B 373 25.30 9.08 -4.21
CA ALA B 373 26.66 8.57 -4.00
C ALA B 373 26.67 7.28 -3.17
N ARG B 374 25.65 7.11 -2.32
CA ARG B 374 25.47 5.92 -1.49
C ARG B 374 25.17 4.68 -2.34
N ILE B 375 24.57 4.86 -3.51
CA ILE B 375 23.98 3.72 -4.25
C ILE B 375 24.42 3.52 -5.72
N CYS B 376 25.21 4.45 -6.24
CA CYS B 376 25.73 4.37 -7.60
C CYS B 376 26.91 3.41 -7.66
N GLU B 377 27.21 2.95 -8.87
CA GLU B 377 28.35 2.12 -9.17
C GLU B 377 28.77 2.48 -10.62
N PRO B 378 30.09 2.65 -10.89
CA PRO B 378 31.24 2.71 -9.94
C PRO B 378 31.14 3.88 -8.92
N ALA B 379 32.00 3.88 -7.90
CA ALA B 379 31.89 4.85 -6.81
C ALA B 379 31.86 6.32 -7.32
N ALA B 380 31.17 7.20 -6.61
CA ALA B 380 31.06 8.60 -7.06
C ALA B 380 32.46 9.25 -7.11
N ILE B 381 32.73 10.02 -8.17
CA ILE B 381 33.99 10.83 -8.25
C ILE B 381 34.07 11.90 -7.11
N LYS B 382 33.07 12.78 -7.03
CA LYS B 382 32.92 13.69 -5.89
C LYS B 382 31.47 13.74 -5.39
N VAL B 383 31.34 13.72 -4.05
CA VAL B 383 30.07 13.99 -3.40
C VAL B 383 29.94 15.50 -3.22
N LEU B 384 29.36 16.14 -4.24
CA LEU B 384 29.04 17.57 -4.19
C LEU B 384 27.89 17.77 -3.22
N ASP B 385 27.90 18.92 -2.54
CA ASP B 385 26.71 19.37 -1.80
C ASP B 385 25.75 20.14 -2.73
N SER B 386 24.47 20.25 -2.35
CA SER B 386 23.42 20.82 -3.23
C SER B 386 23.82 22.16 -3.84
N ILE B 387 24.29 23.05 -2.96
CA ILE B 387 24.82 24.38 -3.31
C ILE B 387 25.82 24.27 -4.50
N GLU B 388 26.81 23.38 -4.36
CA GLU B 388 27.84 23.14 -5.40
C GLU B 388 27.41 22.29 -6.62
N PHE B 389 26.28 21.56 -6.44
CA PHE B 389 25.65 20.72 -7.51
C PHE B 389 24.96 21.56 -8.58
N ILE B 390 24.29 22.62 -8.14
CA ILE B 390 23.62 23.56 -9.06
C ILE B 390 24.65 24.27 -9.95
N ASP B 391 25.72 24.75 -9.31
CA ASP B 391 26.83 25.47 -9.94
C ASP B 391 27.33 24.73 -11.16
N GLU B 392 27.58 23.43 -10.98
CA GLU B 392 28.09 22.57 -12.03
C GLU B 392 27.21 22.53 -13.28
N LEU B 393 25.93 22.87 -13.10
CA LEU B 393 24.96 22.75 -14.18
C LEU B 393 24.93 24.01 -15.07
N GLY B 394 25.40 25.14 -14.55
CA GLY B 394 25.71 26.32 -15.39
C GLY B 394 27.00 26.13 -16.20
N LYS B 395 27.23 26.93 -17.24
CA LYS B 395 26.46 28.14 -17.59
C LYS B 395 26.92 28.66 -18.97
N ARG B 396 26.82 27.79 -19.98
CA ARG B 396 27.03 28.18 -21.38
C ARG B 396 25.68 28.16 -22.10
C1 ICT C . -5.42 -12.10 2.87
O1 ICT C . -4.41 -11.32 2.71
O2 ICT C . -5.55 -12.78 3.93
C2 ICT C . -6.46 -12.21 1.79
O7 ICT C . -6.07 -11.37 0.77
C3 ICT C . -7.84 -11.71 2.20
C4 ICT C . -8.80 -11.96 0.99
C5 ICT C . -10.23 -11.67 1.40
O3 ICT C . -11.06 -11.29 0.54
O4 ICT C . -10.61 -11.81 2.61
C6 ICT C . -7.74 -10.28 2.71
O5 ICT C . -8.18 -9.34 1.98
O6 ICT C . -7.24 -10.04 3.85
C1 ICT D . -1.50 -17.07 -4.86
O1 ICT D . -2.67 -17.23 -5.34
O2 ICT D . -1.38 -16.03 -4.16
C2 ICT D . -0.36 -18.10 -5.08
O7 ICT D . 0.32 -18.47 -3.90
C3 ICT D . 0.74 -17.99 -6.15
C4 ICT D . 1.89 -19.00 -5.89
C5 ICT D . 1.63 -20.51 -5.75
O3 ICT D . 0.89 -20.91 -4.79
O4 ICT D . 2.23 -21.35 -6.52
C6 ICT D . 0.41 -17.85 -7.65
O5 ICT D . 1.08 -18.49 -8.52
O6 ICT D . -0.52 -17.10 -8.09
MG MG E . -3.97 -10.36 0.99
MG MG F . -4.55 -16.07 -6.62
C1 GOL G . -14.08 -25.09 -5.35
O1 GOL G . -13.67 -23.74 -5.15
C2 GOL G . -15.04 -25.77 -4.34
O2 GOL G . -15.76 -26.78 -5.07
C3 GOL G . -15.94 -24.81 -3.53
O3 GOL G . -16.74 -25.29 -2.40
C1 ICT H . 0.41 15.92 1.40
O1 ICT H . -0.10 16.78 0.63
O2 ICT H . 0.37 16.20 2.61
C2 ICT H . 0.99 14.57 0.95
O7 ICT H . 0.07 13.50 0.59
C3 ICT H . 2.28 14.63 0.16
C4 ICT H . 1.82 14.67 -1.28
C5 ICT H . 2.59 14.07 -2.43
O3 ICT H . 2.61 14.79 -3.43
O4 ICT H . 3.10 12.93 -2.51
C6 ICT H . 3.12 13.44 0.54
O5 ICT H . 3.21 12.48 -0.30
O6 ICT H . 3.75 13.38 1.69
MG MG I . 3.65 10.92 -1.41
#